data_8Z03
#
_entry.id   8Z03
#
_cell.length_a   54.120
_cell.length_b   134.370
_cell.length_c   57.830
_cell.angle_alpha   90.000
_cell.angle_beta   92.130
_cell.angle_gamma   90.000
#
_symmetry.space_group_name_H-M   'P 1 21 1'
#
loop_
_entity.id
_entity.type
_entity.pdbx_description
1 polymer 'Succinate--CoA ligase [ADP/GDP-forming] subunit alpha, mitochondrial'
2 polymer 'Succinate--CoA ligase [GDP-forming] subunit beta, mitochondrial'
3 non-polymer 'COENZYME A'
4 non-polymer 'PHOSPHATE ION'
5 non-polymer '(2S)-2-HYDROXYPROPANOIC ACID'
6 non-polymer 'MAGNESIUM ION'
7 water water
#
loop_
_entity_poly.entity_id
_entity_poly.type
_entity_poly.pdbx_seq_one_letter_code
_entity_poly.pdbx_strand_id
1 'polypeptide(L)'
;MSYTASRQHLYVDKNTKIICQGFTGKQGTFHSQQALEYGTKLVGGTTPGKGGQTHLGLPVFNTVKEAKEQTGATASVIYV
PPPFAAAAINEAIEAEIPLVVCITEGIPQQDMVRVKHKLLRQEKTRLIGPNCPGVINPGECKIGIMPGHIHKKGRIGIVS
RSGTLTYEAVHQTTQVGLGQSLCVGIGGDPFNGTDFIDCLEIFLNDSATEGIILIGEIGGNAEENAAEFLKQHNSGPNSK
PVVSFIAGLTAPPGRRMGHAGAIIAGGKGGAKEKISALQSAGVVVSMSPAQLGTTIYKEFEKRKMLENLYFQGHHHHHHH
H
;
A
2 'polypeptide(L)'
;MNLQEYQSKKLMSDNGVRVQRFFVADTANEALEAAKRLNAKEIVLKAQILAGGRGKGVFNSGLKGGVHLTKDPNVVGQLA
KQMIGYNLATKQTPKEGVKVNKVMVAEALDISRETYLAILMDRSCNGPVLVGSPQGGVDIEEVAASNPELIFKEQIDIFE
GIKDSQAQRMAENLGFVGPLKSQAADQITKLYNLFLKIDATQVEVNPFGETPEGQVVCFDAKINFDDNAEFRQKDIFAMD
DKSENEPIENEAAKYDLKYIGLDGNIACFVNGAGLAMATCDIIFLNGGKPANFLDLGGGVKEAQVYQAFKLLTADPKVEA
ILVNIFGGIVNCAIIANGITKACRELELKVPLVVRLEGTNVQEAQKILNNSGLPITSAIDLEDAAKKAVASVAKK
;
B
#
loop_
_chem_comp.id
_chem_comp.type
_chem_comp.name
_chem_comp.formula
2OP non-polymer '(2S)-2-HYDROXYPROPANOIC ACID' 'C3 H6 O3'
COA non-polymer 'COENZYME A' 'C21 H36 N7 O16 P3 S'
MG non-polymer 'MAGNESIUM ION' 'Mg 2'
PO4 non-polymer 'PHOSPHATE ION' 'O4 P -3'
#
# COMPACT_ATOMS: atom_id res chain seq x y z
N SER A 2 -16.90 18.17 -15.31
CA SER A 2 -16.12 16.99 -14.98
C SER A 2 -16.08 16.80 -13.46
N TYR A 3 -15.44 15.70 -13.04
CA TYR A 3 -15.40 15.37 -11.62
C TYR A 3 -14.73 16.47 -10.80
N THR A 4 -13.82 17.24 -11.40
CA THR A 4 -13.13 18.32 -10.69
C THR A 4 -14.11 19.34 -10.14
N ALA A 5 -15.30 19.45 -10.74
CA ALA A 5 -16.31 20.40 -10.31
C ALA A 5 -16.84 20.11 -8.91
N SER A 6 -16.56 18.93 -8.35
CA SER A 6 -17.02 18.59 -7.01
C SER A 6 -15.97 18.86 -5.94
N ARG A 7 -14.83 19.46 -6.30
CA ARG A 7 -13.76 19.67 -5.33
C ARG A 7 -14.22 20.52 -4.17
N GLN A 8 -15.07 21.51 -4.44
CA GLN A 8 -15.47 22.41 -3.37
C GLN A 8 -16.16 21.66 -2.23
N HIS A 9 -16.76 20.49 -2.50
CA HIS A 9 -17.46 19.75 -1.46
C HIS A 9 -16.53 19.26 -0.36
N LEU A 10 -15.21 19.28 -0.61
CA LEU A 10 -14.23 18.90 0.42
C LEU A 10 -14.29 19.82 1.63
N TYR A 11 -14.73 21.06 1.44
CA TYR A 11 -14.60 22.08 2.48
C TYR A 11 -15.84 22.03 3.37
N VAL A 12 -15.87 21.00 4.21
CA VAL A 12 -16.97 20.84 5.18
C VAL A 12 -17.00 22.03 6.12
N ASP A 13 -18.18 22.35 6.65
CA ASP A 13 -18.30 23.50 7.55
C ASP A 13 -19.42 23.25 8.56
N LYS A 14 -19.73 24.28 9.35
CA LYS A 14 -20.78 24.18 10.35
C LYS A 14 -22.14 23.79 9.76
N ASN A 15 -22.38 24.03 8.47
CA ASN A 15 -23.66 23.69 7.85
C ASN A 15 -23.71 22.27 7.28
N THR A 16 -22.60 21.55 7.25
CA THR A 16 -22.59 20.19 6.70
C THR A 16 -23.40 19.24 7.60
N LYS A 17 -24.33 18.51 6.99
CA LYS A 17 -25.11 17.48 7.68
C LYS A 17 -24.66 16.10 7.22
N ILE A 18 -24.41 15.20 8.18
CA ILE A 18 -23.72 13.93 7.92
C ILE A 18 -24.64 12.76 8.24
N ILE A 19 -24.58 11.71 7.42
CA ILE A 19 -25.12 10.40 7.75
C ILE A 19 -23.98 9.39 7.80
N CYS A 20 -24.16 8.35 8.60
CA CYS A 20 -23.15 7.31 8.74
C CYS A 20 -23.61 6.04 8.01
N GLN A 21 -22.80 5.58 7.06
CA GLN A 21 -23.03 4.29 6.40
C GLN A 21 -22.32 3.22 7.22
N GLY A 22 -23.07 2.21 7.65
CA GLY A 22 -22.59 1.31 8.68
C GLY A 22 -22.88 1.80 10.07
N PHE A 23 -24.00 2.53 10.24
CA PHE A 23 -24.37 3.23 11.47
C PHE A 23 -24.33 2.34 12.71
N THR A 24 -24.90 1.13 12.61
CA THR A 24 -25.06 0.26 13.77
C THR A 24 -23.89 -0.67 14.02
N GLY A 25 -22.85 -0.63 13.19
CA GLY A 25 -21.68 -1.45 13.41
C GLY A 25 -20.85 -0.94 14.57
N LYS A 26 -19.74 -1.63 14.82
CA LYS A 26 -18.89 -1.34 15.97
C LYS A 26 -18.27 0.05 15.86
N GLN A 27 -17.51 0.30 14.80
CA GLN A 27 -16.86 1.60 14.65
C GLN A 27 -17.86 2.68 14.25
N GLY A 28 -18.85 2.34 13.43
CA GLY A 28 -19.90 3.28 13.13
C GLY A 28 -20.57 3.81 14.39
N THR A 29 -20.90 2.91 15.32
CA THR A 29 -21.54 3.35 16.55
C THR A 29 -20.60 4.22 17.37
N PHE A 30 -19.38 3.74 17.65
CA PHE A 30 -18.46 4.49 18.50
C PHE A 30 -18.17 5.87 17.93
N HIS A 31 -17.84 5.94 16.63
CA HIS A 31 -17.43 7.23 16.09
C HIS A 31 -18.63 8.14 15.86
N SER A 32 -19.82 7.57 15.65
CA SER A 32 -21.04 8.36 15.66
C SER A 32 -21.32 8.93 17.05
N GLN A 33 -21.14 8.13 18.10
CA GLN A 33 -21.27 8.65 19.46
C GLN A 33 -20.32 9.82 19.67
N GLN A 34 -19.06 9.65 19.28
CA GLN A 34 -18.07 10.71 19.48
C GLN A 34 -18.42 11.95 18.69
N ALA A 35 -18.94 11.78 17.47
CA ALA A 35 -19.33 12.95 16.68
C ALA A 35 -20.48 13.71 17.35
N LEU A 36 -21.45 12.98 17.91
CA LEU A 36 -22.54 13.64 18.63
C LEU A 36 -22.02 14.38 19.86
N GLU A 37 -21.17 13.72 20.66
CA GLU A 37 -20.56 14.36 21.82
C GLU A 37 -19.68 15.55 21.44
N TYR A 38 -19.21 15.60 20.20
CA TYR A 38 -18.39 16.69 19.68
C TYR A 38 -19.23 17.79 19.04
N GLY A 39 -20.56 17.61 18.98
CA GLY A 39 -21.44 18.60 18.39
C GLY A 39 -21.55 18.60 16.89
N THR A 40 -21.08 17.57 16.21
CA THR A 40 -21.13 17.54 14.75
C THR A 40 -22.52 17.08 14.30
N LYS A 41 -23.00 17.64 13.19
CA LYS A 41 -24.39 17.49 12.78
C LYS A 41 -24.61 16.15 12.07
N LEU A 42 -24.45 15.09 12.86
CA LEU A 42 -24.80 13.75 12.42
C LEU A 42 -26.31 13.56 12.57
N VAL A 43 -27.00 13.19 11.50
CA VAL A 43 -28.46 13.24 11.46
C VAL A 43 -29.12 11.88 11.22
N GLY A 44 -28.36 10.82 11.10
CA GLY A 44 -28.92 9.51 10.83
C GLY A 44 -27.88 8.67 10.15
N GLY A 45 -28.29 7.49 9.68
CA GLY A 45 -27.32 6.57 9.11
C GLY A 45 -27.99 5.41 8.43
N THR A 46 -27.18 4.58 7.77
CA THR A 46 -27.73 3.45 7.03
C THR A 46 -27.19 2.13 7.56
N THR A 47 -28.08 1.17 7.66
CA THR A 47 -27.76 -0.24 7.73
C THR A 47 -28.86 -1.01 7.01
N PRO A 48 -28.55 -1.62 5.87
CA PRO A 48 -29.56 -2.41 5.15
C PRO A 48 -30.20 -3.44 6.05
N GLY A 49 -31.53 -3.49 6.05
CA GLY A 49 -32.27 -4.40 6.90
C GLY A 49 -32.56 -3.88 8.30
N LYS A 50 -32.29 -2.60 8.55
CA LYS A 50 -32.57 -2.02 9.86
C LYS A 50 -33.28 -0.68 9.73
N GLY A 51 -33.75 -0.32 8.54
CA GLY A 51 -34.52 0.89 8.37
C GLY A 51 -35.73 0.94 9.30
N GLY A 52 -35.90 2.06 10.01
CA GLY A 52 -36.99 2.26 10.93
C GLY A 52 -36.58 2.23 12.39
N GLN A 53 -35.42 1.66 12.70
CA GLN A 53 -34.92 1.69 14.06
C GLN A 53 -34.36 3.07 14.39
N THR A 54 -34.03 3.25 15.65
CA THR A 54 -33.38 4.46 16.13
C THR A 54 -32.09 4.06 16.83
N HIS A 55 -31.03 4.80 16.53
CA HIS A 55 -29.68 4.49 17.02
C HIS A 55 -29.06 5.81 17.44
N LEU A 56 -28.63 5.89 18.70
CA LEU A 56 -28.08 7.11 19.28
C LEU A 56 -29.07 8.28 19.19
N GLY A 57 -30.36 7.97 19.24
CA GLY A 57 -31.41 8.96 19.11
C GLY A 57 -31.68 9.41 17.70
N LEU A 58 -31.06 8.80 16.70
CA LEU A 58 -31.14 9.18 15.31
C LEU A 58 -31.79 8.09 14.46
N PRO A 59 -32.42 8.45 13.35
CA PRO A 59 -33.10 7.45 12.52
C PRO A 59 -32.10 6.58 11.75
N VAL A 60 -32.46 5.31 11.60
CA VAL A 60 -31.72 4.37 10.76
C VAL A 60 -32.55 4.12 9.51
N PHE A 61 -31.88 4.10 8.37
CA PHE A 61 -32.52 3.90 7.08
C PHE A 61 -31.91 2.69 6.38
N ASN A 62 -32.68 2.12 5.45
CA ASN A 62 -32.16 1.03 4.61
C ASN A 62 -31.25 1.54 3.49
N THR A 63 -31.51 2.72 2.93
CA THR A 63 -30.77 3.18 1.76
C THR A 63 -30.30 4.62 1.96
N VAL A 64 -29.24 4.97 1.22
CA VAL A 64 -28.73 6.34 1.27
C VAL A 64 -29.77 7.29 0.69
N LYS A 65 -30.45 6.88 -0.39
CA LYS A 65 -31.44 7.74 -1.02
C LYS A 65 -32.52 8.15 -0.02
N GLU A 66 -33.03 7.19 0.76
CA GLU A 66 -34.02 7.51 1.78
C GLU A 66 -33.44 8.42 2.84
N ALA A 67 -32.25 8.07 3.35
CA ALA A 67 -31.56 8.88 4.36
C ALA A 67 -31.43 10.32 3.90
N LYS A 68 -30.99 10.52 2.65
CA LYS A 68 -30.78 11.87 2.14
C LYS A 68 -32.09 12.64 2.01
N GLU A 69 -33.12 11.98 1.45
CA GLU A 69 -34.41 12.64 1.26
C GLU A 69 -35.03 13.06 2.57
N GLN A 70 -34.86 12.27 3.63
CA GLN A 70 -35.54 12.51 4.89
C GLN A 70 -34.73 13.37 5.88
N THR A 71 -33.43 13.56 5.63
CA THR A 71 -32.60 14.38 6.52
C THR A 71 -31.96 15.58 5.85
N GLY A 72 -31.88 15.62 4.52
CA GLY A 72 -31.14 16.71 3.90
C GLY A 72 -29.64 16.61 4.06
N ALA A 73 -29.14 15.43 4.40
CA ALA A 73 -27.70 15.25 4.57
C ALA A 73 -26.94 15.62 3.30
N THR A 74 -25.78 16.23 3.47
CA THR A 74 -24.92 16.57 2.35
C THR A 74 -23.59 15.82 2.40
N ALA A 75 -23.39 14.93 3.38
CA ALA A 75 -22.16 14.16 3.48
C ALA A 75 -22.46 12.82 4.11
N SER A 76 -21.66 11.82 3.75
CA SER A 76 -21.77 10.51 4.35
C SER A 76 -20.38 10.01 4.74
N VAL A 77 -20.31 9.27 5.84
CA VAL A 77 -19.07 8.65 6.29
C VAL A 77 -19.31 7.15 6.34
N ILE A 78 -18.34 6.38 5.84
CA ILE A 78 -18.53 4.95 5.57
C ILE A 78 -17.70 4.14 6.55
N TYR A 79 -18.38 3.32 7.36
CA TYR A 79 -17.71 2.41 8.29
C TYR A 79 -18.16 0.99 7.96
N VAL A 80 -18.15 0.67 6.67
CA VAL A 80 -18.68 -0.58 6.12
C VAL A 80 -17.49 -1.50 5.82
N PRO A 81 -17.57 -2.81 6.11
CA PRO A 81 -16.38 -3.68 5.99
C PRO A 81 -15.95 -3.84 4.55
N PRO A 82 -14.71 -4.29 4.33
CA PRO A 82 -14.10 -4.29 2.98
C PRO A 82 -14.93 -5.01 1.92
N PRO A 83 -15.58 -6.15 2.21
CA PRO A 83 -16.33 -6.82 1.13
C PRO A 83 -17.48 -6.00 0.54
N PHE A 84 -18.07 -5.09 1.30
CA PHE A 84 -19.23 -4.36 0.81
C PHE A 84 -19.03 -2.85 0.75
N ALA A 85 -17.85 -2.34 1.12
CA ALA A 85 -17.68 -0.88 1.21
C ALA A 85 -17.70 -0.21 -0.15
N ALA A 86 -17.25 -0.89 -1.22
CA ALA A 86 -17.28 -0.26 -2.54
C ALA A 86 -18.72 -0.10 -3.03
N ALA A 87 -19.56 -1.12 -2.83
CA ALA A 87 -20.98 -0.94 -3.12
C ALA A 87 -21.57 0.18 -2.27
N ALA A 88 -21.05 0.39 -1.03
CA ALA A 88 -21.52 1.49 -0.20
C ALA A 88 -21.13 2.84 -0.80
N ILE A 89 -19.88 2.99 -1.24
CA ILE A 89 -19.50 4.20 -1.97
C ILE A 89 -20.38 4.39 -3.20
N ASN A 90 -20.55 3.32 -3.98
CA ASN A 90 -21.37 3.39 -5.21
C ASN A 90 -22.79 3.86 -4.90
N GLU A 91 -23.37 3.39 -3.79
CA GLU A 91 -24.71 3.81 -3.42
C GLU A 91 -24.77 5.30 -3.13
N ALA A 92 -23.78 5.82 -2.41
CA ALA A 92 -23.74 7.23 -2.10
C ALA A 92 -23.52 8.07 -3.36
N ILE A 93 -22.70 7.59 -4.29
CA ILE A 93 -22.58 8.28 -5.58
C ILE A 93 -23.90 8.27 -6.32
N GLU A 94 -24.58 7.11 -6.36
CA GLU A 94 -25.84 7.02 -7.07
C GLU A 94 -26.87 7.95 -6.46
N ALA A 95 -26.80 8.15 -5.16
CA ALA A 95 -27.73 9.03 -4.45
C ALA A 95 -27.33 10.50 -4.52
N GLU A 96 -26.19 10.81 -5.14
CA GLU A 96 -25.75 12.18 -5.40
C GLU A 96 -25.46 12.94 -4.10
N ILE A 97 -25.01 12.23 -3.07
CA ILE A 97 -24.47 12.79 -1.83
C ILE A 97 -23.27 13.68 -2.18
N PRO A 98 -23.26 14.97 -1.81
CA PRO A 98 -22.14 15.84 -2.26
C PRO A 98 -20.76 15.35 -1.81
N LEU A 99 -20.62 14.88 -0.57
CA LEU A 99 -19.34 14.42 -0.07
C LEU A 99 -19.47 13.02 0.55
N VAL A 100 -18.61 12.09 0.12
CA VAL A 100 -18.52 10.76 0.72
C VAL A 100 -17.11 10.55 1.28
N VAL A 101 -17.03 10.24 2.57
CA VAL A 101 -15.79 9.94 3.26
C VAL A 101 -15.76 8.46 3.62
N CYS A 102 -14.80 7.72 3.06
CA CYS A 102 -14.70 6.28 3.30
C CYS A 102 -13.49 5.98 4.17
N ILE A 103 -13.77 5.55 5.40
CA ILE A 103 -12.74 5.20 6.38
C ILE A 103 -12.15 3.82 6.10
N THR A 104 -12.97 2.91 5.57
CA THR A 104 -12.65 1.48 5.45
C THR A 104 -11.25 1.23 4.89
N GLU A 105 -10.52 0.37 5.56
CA GLU A 105 -9.26 -0.16 5.03
C GLU A 105 -9.50 -1.57 4.48
N GLY A 106 -8.84 -1.90 3.38
CA GLY A 106 -8.89 -3.26 2.83
C GLY A 106 -9.83 -3.49 1.67
N ILE A 107 -10.38 -2.44 1.07
CA ILE A 107 -11.21 -2.61 -0.14
C ILE A 107 -10.33 -3.12 -1.27
N PRO A 108 -10.66 -4.24 -1.91
CA PRO A 108 -9.93 -4.68 -3.10
C PRO A 108 -9.71 -3.56 -4.11
N GLN A 109 -8.50 -3.50 -4.67
CA GLN A 109 -8.18 -2.52 -5.70
C GLN A 109 -9.12 -2.64 -6.90
N GLN A 110 -9.47 -3.87 -7.30
CA GLN A 110 -10.36 -4.02 -8.46
C GLN A 110 -11.72 -3.40 -8.17
N ASP A 111 -12.22 -3.54 -6.93
CA ASP A 111 -13.44 -2.86 -6.52
C ASP A 111 -13.30 -1.36 -6.67
N MET A 112 -12.18 -0.80 -6.22
CA MET A 112 -12.03 0.66 -6.28
C MET A 112 -11.84 1.14 -7.72
N VAL A 113 -11.22 0.33 -8.57
CA VAL A 113 -11.14 0.71 -9.99
C VAL A 113 -12.55 0.86 -10.55
N ARG A 114 -13.45 -0.04 -10.16
CA ARG A 114 -14.83 0.05 -10.62
C ARG A 114 -15.51 1.27 -10.04
N VAL A 115 -15.32 1.52 -8.74
CA VAL A 115 -15.86 2.72 -8.12
C VAL A 115 -15.33 3.97 -8.83
N LYS A 116 -14.04 3.98 -9.15
CA LYS A 116 -13.45 5.18 -9.76
C LYS A 116 -14.05 5.45 -11.13
N HIS A 117 -14.37 4.39 -11.87
CA HIS A 117 -14.97 4.52 -13.19
C HIS A 117 -16.30 5.27 -13.11
N LYS A 118 -17.13 4.91 -12.15
CA LYS A 118 -18.38 5.62 -11.91
C LYS A 118 -18.12 7.05 -11.43
N LEU A 119 -17.14 7.21 -10.53
CA LEU A 119 -16.89 8.50 -9.87
C LEU A 119 -16.43 9.56 -10.87
N LEU A 120 -15.57 9.16 -11.80
CA LEU A 120 -14.98 10.10 -12.74
C LEU A 120 -15.97 10.55 -13.80
N ARG A 121 -17.06 9.80 -13.98
CA ARG A 121 -18.07 10.11 -14.97
C ARG A 121 -19.26 10.85 -14.38
N GLN A 122 -19.13 11.38 -13.17
CA GLN A 122 -20.16 12.22 -12.58
C GLN A 122 -19.48 13.38 -11.86
N GLU A 123 -20.28 14.31 -11.36
CA GLU A 123 -19.68 15.42 -10.61
C GLU A 123 -20.52 15.91 -9.44
N LYS A 124 -21.57 15.19 -9.03
CA LYS A 124 -22.27 15.61 -7.83
C LYS A 124 -21.51 15.22 -6.57
N THR A 125 -20.85 14.06 -6.59
CA THR A 125 -20.32 13.43 -5.40
C THR A 125 -18.79 13.53 -5.40
N ARG A 126 -18.24 14.04 -4.31
CA ARG A 126 -16.80 14.04 -4.07
C ARG A 126 -16.47 12.93 -3.09
N LEU A 127 -15.56 12.03 -3.49
CA LEU A 127 -15.10 10.96 -2.61
C LEU A 127 -13.75 11.31 -2.01
N ILE A 128 -13.66 11.20 -0.69
CA ILE A 128 -12.39 11.18 0.05
C ILE A 128 -12.16 9.76 0.52
N GLY A 129 -11.01 9.17 0.15
CA GLY A 129 -10.73 7.81 0.52
C GLY A 129 -10.77 6.84 -0.66
N PRO A 130 -10.77 5.53 -0.36
CA PRO A 130 -10.89 4.98 1.00
C PRO A 130 -9.60 4.95 1.85
N ASN A 131 -9.65 4.17 2.93
CA ASN A 131 -8.50 3.98 3.82
C ASN A 131 -7.90 5.30 4.28
N CYS A 132 -8.76 6.18 4.77
CA CYS A 132 -8.35 7.53 5.15
C CYS A 132 -8.93 7.92 6.49
N PRO A 133 -8.28 8.88 7.18
CA PRO A 133 -8.79 9.31 8.49
C PRO A 133 -10.00 10.25 8.39
N GLY A 134 -10.27 10.83 7.24
CA GLY A 134 -11.37 11.75 7.07
C GLY A 134 -10.92 13.19 6.88
N VAL A 135 -11.82 14.11 7.20
CA VAL A 135 -11.63 15.54 6.96
C VAL A 135 -12.13 16.29 8.19
N ILE A 136 -11.43 17.38 8.55
CA ILE A 136 -11.83 18.20 9.68
C ILE A 136 -11.64 19.68 9.36
N ASN A 137 -12.66 20.47 9.67
CA ASN A 137 -12.58 21.92 9.74
C ASN A 137 -12.73 22.28 11.20
N PRO A 138 -11.63 22.53 11.92
CA PRO A 138 -11.66 22.53 13.39
C PRO A 138 -12.68 23.53 13.93
N GLY A 139 -13.46 23.08 14.92
CA GLY A 139 -14.53 23.87 15.50
C GLY A 139 -15.76 24.03 14.63
N GLU A 140 -15.79 23.51 13.41
CA GLU A 140 -16.97 23.62 12.56
C GLU A 140 -17.51 22.28 12.11
N CYS A 141 -16.66 21.32 11.75
CA CYS A 141 -17.16 20.05 11.27
C CYS A 141 -16.06 18.99 11.24
N LYS A 142 -16.28 17.86 11.90
CA LYS A 142 -15.34 16.74 11.91
C LYS A 142 -16.02 15.47 11.39
N ILE A 143 -15.40 14.86 10.38
CA ILE A 143 -15.88 13.62 9.76
C ILE A 143 -14.69 12.67 9.72
N GLY A 144 -14.60 11.75 10.67
CA GLY A 144 -13.55 10.76 10.61
C GLY A 144 -13.08 10.36 12.01
N ILE A 145 -11.84 9.86 12.04
CA ILE A 145 -11.32 9.16 13.21
C ILE A 145 -10.19 9.89 13.89
N MET A 146 -9.83 11.10 13.46
CA MET A 146 -8.68 11.78 14.01
C MET A 146 -8.90 12.03 15.51
N PRO A 147 -7.82 12.04 16.31
CA PRO A 147 -8.00 12.18 17.77
C PRO A 147 -8.45 13.57 18.14
N GLY A 148 -9.03 13.68 19.36
CA GLY A 148 -9.50 14.96 19.86
C GLY A 148 -8.44 15.68 20.69
N HIS A 149 -8.76 16.93 21.02
CA HIS A 149 -7.91 17.79 21.84
C HIS A 149 -6.54 18.03 21.22
N ILE A 150 -6.44 18.02 19.89
CA ILE A 150 -5.18 18.41 19.26
C ILE A 150 -5.37 19.50 18.20
N HIS A 151 -6.57 19.76 17.71
CA HIS A 151 -6.75 20.71 16.62
C HIS A 151 -6.98 22.13 17.15
N LYS A 152 -6.70 23.10 16.28
CA LYS A 152 -7.00 24.49 16.60
C LYS A 152 -7.33 25.19 15.30
N LYS A 153 -8.50 25.84 15.23
CA LYS A 153 -8.86 26.54 14.01
C LYS A 153 -7.81 27.61 13.70
N GLY A 154 -7.31 27.60 12.48
CA GLY A 154 -6.19 28.45 12.15
C GLY A 154 -5.93 28.57 10.67
N ARG A 155 -4.65 28.67 10.30
CA ARG A 155 -4.22 29.22 9.04
C ARG A 155 -3.63 28.21 8.07
N ILE A 156 -3.41 26.95 8.48
CA ILE A 156 -2.65 25.98 7.70
C ILE A 156 -3.60 24.91 7.15
N GLY A 157 -3.54 24.69 5.84
CA GLY A 157 -4.23 23.57 5.24
C GLY A 157 -3.30 22.37 5.14
N ILE A 158 -3.82 21.21 5.51
CA ILE A 158 -3.01 20.00 5.55
C ILE A 158 -3.65 18.98 4.62
N VAL A 159 -2.83 18.40 3.74
CA VAL A 159 -3.27 17.26 2.93
C VAL A 159 -2.24 16.16 3.08
N SER A 160 -2.72 14.93 3.29
CA SER A 160 -1.82 13.86 3.71
C SER A 160 -2.31 12.51 3.20
N ARG A 161 -1.37 11.70 2.73
CA ARG A 161 -1.69 10.30 2.41
C ARG A 161 -1.64 9.42 3.65
N SER A 162 -1.29 9.97 4.81
CA SER A 162 -1.20 9.21 6.05
C SER A 162 -2.06 9.84 7.14
N GLY A 163 -2.91 9.04 7.77
CA GLY A 163 -3.68 9.54 8.90
C GLY A 163 -2.82 9.84 10.12
N THR A 164 -1.97 8.90 10.53
CA THR A 164 -1.17 9.14 11.73
C THR A 164 -0.24 10.34 11.55
N LEU A 165 0.28 10.56 10.34
CA LEU A 165 1.11 11.73 10.13
C LEU A 165 0.30 13.01 10.14
N THR A 166 -0.97 12.93 9.75
CA THR A 166 -1.83 14.09 9.91
C THR A 166 -1.91 14.49 11.37
N TYR A 167 -2.07 13.51 12.28
CA TYR A 167 -2.20 13.85 13.70
C TYR A 167 -0.94 14.57 14.20
N GLU A 168 0.24 14.07 13.79
CA GLU A 168 1.50 14.72 14.11
C GLU A 168 1.53 16.16 13.62
N ALA A 169 1.19 16.39 12.35
CA ALA A 169 1.24 17.74 11.81
C ALA A 169 0.19 18.63 12.45
N VAL A 170 -0.97 18.08 12.81
CA VAL A 170 -1.96 18.88 13.51
C VAL A 170 -1.40 19.32 14.87
N HIS A 171 -0.92 18.34 15.64
CA HIS A 171 -0.33 18.60 16.95
C HIS A 171 0.79 19.62 16.86
N GLN A 172 1.67 19.48 15.87
CA GLN A 172 2.79 20.41 15.75
C GLN A 172 2.32 21.82 15.40
N THR A 173 1.36 21.96 14.47
CA THR A 173 0.92 23.29 14.11
C THR A 173 0.05 23.93 15.18
N THR A 174 -0.67 23.13 15.97
CA THR A 174 -1.32 23.69 17.15
C THR A 174 -0.29 24.16 18.17
N GLN A 175 0.75 23.36 18.38
CA GLN A 175 1.73 23.68 19.42
C GLN A 175 2.56 24.91 19.07
N VAL A 176 2.78 25.20 17.78
CA VAL A 176 3.46 26.44 17.42
C VAL A 176 2.50 27.61 17.24
N GLY A 177 1.20 27.42 17.47
CA GLY A 177 0.25 28.52 17.50
C GLY A 177 -0.36 28.93 16.18
N LEU A 178 -0.21 28.12 15.12
CA LEU A 178 -0.73 28.48 13.80
C LEU A 178 -2.10 27.87 13.50
N GLY A 179 -2.38 26.69 14.02
CA GLY A 179 -3.67 26.06 13.80
C GLY A 179 -3.88 25.64 12.36
N GLN A 180 -5.05 25.03 12.12
CA GLN A 180 -5.38 24.43 10.84
C GLN A 180 -6.65 25.06 10.29
N SER A 181 -6.66 25.37 8.99
CA SER A 181 -7.92 25.82 8.37
C SER A 181 -8.80 24.62 7.98
N LEU A 182 -8.22 23.66 7.26
CA LEU A 182 -8.91 22.48 6.78
C LEU A 182 -7.89 21.38 6.61
N CYS A 183 -8.23 20.17 7.05
CA CYS A 183 -7.30 19.04 7.01
C CYS A 183 -7.96 17.86 6.32
N VAL A 184 -7.32 17.36 5.26
CA VAL A 184 -7.87 16.32 4.41
C VAL A 184 -6.91 15.15 4.37
N GLY A 185 -7.35 14.00 4.86
CA GLY A 185 -6.54 12.81 4.71
C GLY A 185 -7.02 12.05 3.49
N ILE A 186 -6.21 12.02 2.43
CA ILE A 186 -6.62 11.34 1.20
C ILE A 186 -6.38 9.84 1.24
N GLY A 187 -5.74 9.34 2.30
CA GLY A 187 -5.63 7.92 2.55
C GLY A 187 -4.46 7.25 1.83
N GLY A 188 -4.26 5.96 2.16
CA GLY A 188 -3.10 5.24 1.67
C GLY A 188 -3.37 4.21 0.58
N ASP A 189 -4.48 4.32 -0.10
CA ASP A 189 -4.78 3.33 -1.12
C ASP A 189 -4.40 3.87 -2.50
N PRO A 190 -4.05 2.97 -3.43
CA PRO A 190 -3.58 3.42 -4.74
C PRO A 190 -4.68 3.99 -5.60
N PHE A 191 -5.94 3.58 -5.38
CA PHE A 191 -7.08 4.10 -6.13
C PHE A 191 -8.02 4.77 -5.14
N ASN A 192 -8.15 6.08 -5.24
CA ASN A 192 -8.92 6.85 -4.26
C ASN A 192 -9.63 8.00 -4.96
N GLY A 193 -10.43 8.75 -4.22
CA GLY A 193 -11.28 9.76 -4.84
C GLY A 193 -10.77 11.19 -4.93
N THR A 194 -9.66 11.49 -4.26
CA THR A 194 -9.15 12.86 -4.12
C THR A 194 -7.62 12.80 -4.00
N ASP A 195 -6.90 13.58 -4.82
CA ASP A 195 -5.45 13.56 -4.79
C ASP A 195 -4.91 14.85 -4.14
N PHE A 196 -3.58 15.01 -4.15
CA PHE A 196 -2.98 16.20 -3.56
C PHE A 196 -3.47 17.48 -4.27
N ILE A 197 -3.39 17.49 -5.60
CA ILE A 197 -3.71 18.67 -6.39
C ILE A 197 -5.14 19.15 -6.12
N ASP A 198 -6.08 18.21 -5.99
CA ASP A 198 -7.44 18.54 -5.57
C ASP A 198 -7.43 19.43 -4.33
N CYS A 199 -6.71 18.99 -3.30
CA CYS A 199 -6.69 19.76 -2.05
C CYS A 199 -5.89 21.05 -2.19
N LEU A 200 -4.80 21.03 -2.96
CA LEU A 200 -4.01 22.25 -3.13
C LEU A 200 -4.83 23.35 -3.80
N GLU A 201 -5.67 22.99 -4.77
CA GLU A 201 -6.52 23.97 -5.42
C GLU A 201 -7.46 24.64 -4.43
N ILE A 202 -8.08 23.83 -3.56
CA ILE A 202 -8.94 24.38 -2.52
C ILE A 202 -8.14 25.26 -1.57
N PHE A 203 -6.95 24.79 -1.15
CA PHE A 203 -6.13 25.56 -0.22
C PHE A 203 -5.68 26.89 -0.83
N LEU A 204 -5.15 26.85 -2.06
CA LEU A 204 -4.63 28.06 -2.69
C LEU A 204 -5.72 29.10 -2.92
N ASN A 205 -6.97 28.67 -3.08
CA ASN A 205 -8.05 29.62 -3.31
C ASN A 205 -8.82 29.96 -2.04
N ASP A 206 -8.38 29.48 -0.88
CA ASP A 206 -9.08 29.71 0.38
C ASP A 206 -8.40 30.84 1.15
N SER A 207 -9.14 31.92 1.41
CA SER A 207 -8.51 33.05 2.09
C SER A 207 -8.13 32.71 3.53
N ALA A 208 -8.84 31.79 4.18
CA ALA A 208 -8.47 31.44 5.54
C ALA A 208 -7.21 30.59 5.61
N THR A 209 -6.80 29.96 4.50
CA THR A 209 -5.58 29.17 4.47
C THR A 209 -4.41 30.06 4.05
N GLU A 210 -3.41 30.19 4.92
CA GLU A 210 -2.26 31.03 4.60
C GLU A 210 -0.98 30.25 4.34
N GLY A 211 -0.94 28.97 4.72
CA GLY A 211 0.19 28.11 4.41
C GLY A 211 -0.33 26.69 4.27
N ILE A 212 0.53 25.81 3.76
CA ILE A 212 0.11 24.44 3.43
C ILE A 212 1.16 23.45 3.91
N ILE A 213 0.67 22.35 4.49
CA ILE A 213 1.52 21.19 4.76
C ILE A 213 1.04 20.07 3.84
N LEU A 214 1.97 19.53 3.06
CA LEU A 214 1.69 18.37 2.21
C LEU A 214 2.49 17.19 2.74
N ILE A 215 1.80 16.14 3.14
CA ILE A 215 2.43 14.97 3.72
C ILE A 215 2.29 13.83 2.72
N GLY A 216 3.42 13.33 2.22
CA GLY A 216 3.40 12.22 1.29
C GLY A 216 4.26 11.04 1.73
N GLU A 217 4.47 10.10 0.82
CA GLU A 217 5.22 8.88 1.14
C GLU A 217 5.62 8.21 -0.17
N ILE A 218 6.32 7.09 -0.06
CA ILE A 218 6.78 6.39 -1.26
C ILE A 218 5.58 5.86 -2.06
N GLY A 219 5.82 5.61 -3.36
CA GLY A 219 4.82 5.01 -4.22
C GLY A 219 4.06 5.97 -5.12
N GLY A 220 3.84 5.58 -6.37
CA GLY A 220 3.10 6.43 -7.27
C GLY A 220 3.85 7.70 -7.61
N ASN A 221 3.12 8.66 -8.18
CA ASN A 221 3.78 9.91 -8.57
C ASN A 221 2.92 11.12 -8.25
N ALA A 222 2.06 11.01 -7.24
CA ALA A 222 1.17 12.13 -6.94
C ALA A 222 1.94 13.31 -6.33
N GLU A 223 3.02 13.03 -5.58
CA GLU A 223 3.80 14.14 -5.02
C GLU A 223 4.54 14.87 -6.13
N GLU A 224 5.09 14.12 -7.09
CA GLU A 224 5.75 14.74 -8.25
C GLU A 224 4.78 15.62 -9.03
N ASN A 225 3.58 15.11 -9.30
CA ASN A 225 2.57 15.90 -10.01
C ASN A 225 2.19 17.14 -9.24
N ALA A 226 1.98 17.01 -7.93
CA ALA A 226 1.62 18.18 -7.14
C ALA A 226 2.76 19.21 -7.14
N ALA A 227 4.00 18.72 -7.11
CA ALA A 227 5.14 19.63 -7.14
C ALA A 227 5.13 20.48 -8.40
N GLU A 228 5.00 19.82 -9.57
CA GLU A 228 4.92 20.57 -10.81
C GLU A 228 3.74 21.54 -10.81
N PHE A 229 2.61 21.11 -10.25
CA PHE A 229 1.46 22.00 -10.08
C PHE A 229 1.80 23.22 -9.23
N LEU A 230 2.50 23.01 -8.12
CA LEU A 230 2.88 24.13 -7.27
C LEU A 230 3.92 25.02 -7.94
N LYS A 231 4.88 24.40 -8.64
CA LYS A 231 5.87 25.18 -9.37
C LYS A 231 5.21 26.14 -10.34
N GLN A 232 4.18 25.67 -11.06
CA GLN A 232 3.54 26.49 -12.08
C GLN A 232 2.59 27.51 -11.49
N HIS A 233 1.91 27.19 -10.39
CA HIS A 233 0.76 27.98 -9.98
C HIS A 233 0.82 28.51 -8.55
N ASN A 234 1.92 28.31 -7.83
CA ASN A 234 2.13 28.85 -6.49
C ASN A 234 3.53 29.43 -6.40
N SER A 235 3.92 30.19 -7.43
CA SER A 235 5.27 30.73 -7.47
C SER A 235 5.34 32.23 -7.74
N GLY A 236 4.21 32.91 -7.88
CA GLY A 236 4.23 34.35 -8.05
C GLY A 236 4.26 35.08 -6.72
N PRO A 237 4.04 36.40 -6.75
CA PRO A 237 3.72 37.10 -5.50
C PRO A 237 2.39 36.58 -4.98
N ASN A 238 2.16 36.77 -3.69
CA ASN A 238 1.01 36.23 -2.98
C ASN A 238 1.01 34.71 -2.90
N SER A 239 2.04 34.01 -3.39
CA SER A 239 2.09 32.57 -3.20
C SER A 239 2.08 32.22 -1.72
N LYS A 240 1.64 31.00 -1.40
CA LYS A 240 1.52 30.59 -0.01
C LYS A 240 2.63 29.62 0.34
N PRO A 241 3.23 29.73 1.53
CA PRO A 241 4.31 28.80 1.89
C PRO A 241 3.76 27.38 1.95
N VAL A 242 4.51 26.45 1.36
CA VAL A 242 4.19 25.03 1.41
C VAL A 242 5.36 24.30 2.05
N VAL A 243 5.08 23.49 3.07
CA VAL A 243 6.06 22.65 3.74
C VAL A 243 5.63 21.21 3.54
N SER A 244 6.59 20.33 3.32
CA SER A 244 6.28 18.93 3.06
C SER A 244 7.17 18.01 3.88
N PHE A 245 6.65 16.80 4.15
CA PHE A 245 7.43 15.69 4.63
C PHE A 245 7.04 14.46 3.82
N ILE A 246 8.04 13.69 3.40
CA ILE A 246 7.82 12.49 2.60
C ILE A 246 8.33 11.30 3.39
N ALA A 247 7.40 10.44 3.82
CA ALA A 247 7.74 9.26 4.58
C ALA A 247 8.35 8.17 3.68
N GLY A 248 9.31 7.43 4.23
CA GLY A 248 9.84 6.25 3.57
C GLY A 248 11.25 6.39 3.03
N LEU A 249 12.00 7.40 3.47
CA LEU A 249 13.40 7.54 3.08
C LEU A 249 14.20 6.27 3.33
N THR A 250 13.88 5.53 4.40
CA THR A 250 14.60 4.30 4.74
C THR A 250 13.87 3.03 4.32
N ALA A 251 12.82 3.14 3.50
CA ALA A 251 12.05 1.96 3.19
C ALA A 251 12.83 1.07 2.22
N PRO A 252 12.78 -0.25 2.39
CA PRO A 252 13.43 -1.13 1.41
C PRO A 252 12.67 -1.13 0.10
N PRO A 253 13.35 -1.38 -1.02
CA PRO A 253 12.66 -1.39 -2.31
C PRO A 253 11.79 -2.62 -2.47
N GLY A 254 10.67 -2.44 -3.17
CA GLY A 254 9.85 -3.57 -3.56
C GLY A 254 9.06 -4.20 -2.43
N ARG A 255 8.74 -3.42 -1.40
CA ARG A 255 7.94 -3.88 -0.28
C ARG A 255 6.80 -2.89 -0.06
N ARG A 256 5.61 -3.41 0.21
CA ARG A 256 4.48 -2.56 0.56
C ARG A 256 4.61 -2.21 2.03
N MET A 257 4.82 -0.92 2.32
CA MET A 257 5.09 -0.46 3.68
C MET A 257 3.77 -0.14 4.37
N GLY A 258 3.03 -1.20 4.68
CA GLY A 258 1.75 -1.08 5.36
C GLY A 258 0.63 -0.65 4.44
N HIS A 259 0.81 0.50 3.79
CA HIS A 259 -0.16 0.99 2.83
C HIS A 259 -0.04 0.21 1.54
N ALA A 260 -1.20 -0.18 0.98
CA ALA A 260 -1.20 -0.78 -0.35
C ALA A 260 -0.46 0.09 -1.34
N GLY A 261 -0.63 1.43 -1.23
CA GLY A 261 0.03 2.33 -2.15
C GLY A 261 1.52 2.59 -1.88
N ALA A 262 2.02 2.23 -0.70
CA ALA A 262 3.37 2.63 -0.28
C ALA A 262 4.40 1.58 -0.72
N ILE A 263 4.84 1.70 -1.97
CA ILE A 263 5.77 0.71 -2.51
C ILE A 263 6.65 1.36 -3.56
N ILE A 264 7.95 1.06 -3.48
CA ILE A 264 8.93 1.46 -4.46
C ILE A 264 9.04 0.31 -5.47
N ALA A 265 8.36 0.44 -6.59
CA ALA A 265 8.33 -0.62 -7.61
C ALA A 265 9.02 -0.16 -8.89
N GLY A 266 9.66 -1.10 -9.56
CA GLY A 266 10.34 -0.83 -10.82
C GLY A 266 11.30 0.33 -10.76
N GLY A 267 11.94 0.53 -9.62
CA GLY A 267 12.82 1.68 -9.41
C GLY A 267 12.11 3.01 -9.29
N LYS A 268 10.79 3.03 -9.30
CA LYS A 268 10.02 4.26 -9.21
C LYS A 268 9.26 4.31 -7.89
N GLY A 269 9.07 5.52 -7.37
CA GLY A 269 8.38 5.72 -6.11
C GLY A 269 9.26 6.07 -4.92
N GLY A 270 10.56 6.23 -5.11
CA GLY A 270 11.44 6.53 -3.99
C GLY A 270 11.13 7.89 -3.36
N ALA A 271 11.49 8.02 -2.07
CA ALA A 271 11.21 9.26 -1.35
C ALA A 271 12.17 10.38 -1.76
N LYS A 272 13.44 10.05 -1.99
CA LYS A 272 14.42 11.04 -2.44
C LYS A 272 13.94 11.78 -3.68
N GLU A 273 13.48 11.05 -4.69
CA GLU A 273 13.03 11.70 -5.91
C GLU A 273 11.85 12.64 -5.66
N LYS A 274 10.98 12.29 -4.71
CA LYS A 274 9.86 13.16 -4.37
C LYS A 274 10.33 14.42 -3.64
N ILE A 275 11.24 14.26 -2.67
CA ILE A 275 11.80 15.41 -1.95
C ILE A 275 12.47 16.38 -2.94
N SER A 276 13.23 15.83 -3.90
CA SER A 276 13.95 16.67 -4.85
C SER A 276 12.99 17.40 -5.80
N ALA A 277 11.91 16.72 -6.23
CA ALA A 277 10.92 17.41 -7.06
C ALA A 277 10.24 18.53 -6.30
N LEU A 278 9.84 18.26 -5.06
CA LEU A 278 9.16 19.28 -4.27
C LEU A 278 10.10 20.47 -4.03
N GLN A 279 11.33 20.19 -3.62
CA GLN A 279 12.32 21.25 -3.41
C GLN A 279 12.51 22.07 -4.69
N SER A 280 12.69 21.41 -5.83
CA SER A 280 12.92 22.19 -7.04
C SER A 280 11.68 22.98 -7.43
N ALA A 281 10.50 22.62 -6.90
CA ALA A 281 9.29 23.41 -7.11
C ALA A 281 9.14 24.56 -6.13
N GLY A 282 10.04 24.70 -5.16
CA GLY A 282 9.91 25.75 -4.18
C GLY A 282 9.19 25.34 -2.92
N VAL A 283 8.90 24.06 -2.75
CA VAL A 283 8.36 23.57 -1.49
C VAL A 283 9.50 23.42 -0.50
N VAL A 284 9.29 23.82 0.75
CA VAL A 284 10.28 23.60 1.79
C VAL A 284 10.02 22.25 2.44
N VAL A 285 10.98 21.35 2.36
CA VAL A 285 10.80 19.98 2.83
C VAL A 285 11.43 19.87 4.21
N SER A 286 10.63 19.47 5.18
CA SER A 286 11.17 19.10 6.49
C SER A 286 11.74 17.69 6.38
N MET A 287 13.05 17.54 6.58
CA MET A 287 13.62 16.21 6.60
C MET A 287 13.01 15.39 7.73
N SER A 288 12.76 16.02 8.89
CA SER A 288 12.23 15.30 10.04
C SER A 288 10.71 15.41 10.12
N PRO A 289 10.03 14.30 10.45
CA PRO A 289 8.59 14.37 10.68
C PRO A 289 8.22 15.14 11.93
N ALA A 290 9.16 15.32 12.86
CA ALA A 290 8.89 16.06 14.08
C ALA A 290 8.94 17.57 13.88
N GLN A 291 9.46 18.04 12.74
CA GLN A 291 9.73 19.47 12.57
C GLN A 291 8.82 20.14 11.56
N LEU A 292 7.62 19.60 11.34
CA LEU A 292 6.71 20.23 10.39
C LEU A 292 6.15 21.52 10.96
N GLY A 293 5.77 21.52 12.24
CA GLY A 293 5.28 22.75 12.85
C GLY A 293 6.33 23.83 12.89
N THR A 294 7.55 23.48 13.29
CA THR A 294 8.60 24.50 13.42
C THR A 294 9.07 24.98 12.06
N THR A 295 9.08 24.11 11.04
CA THR A 295 9.49 24.54 9.71
C THR A 295 8.51 25.55 9.12
N ILE A 296 7.21 25.25 9.18
CA ILE A 296 6.27 26.20 8.55
C ILE A 296 6.16 27.48 9.36
N TYR A 297 6.31 27.39 10.69
CA TYR A 297 6.38 28.62 11.48
C TYR A 297 7.55 29.48 11.04
N LYS A 298 8.72 28.87 10.81
CA LYS A 298 9.84 29.67 10.33
C LYS A 298 9.56 30.25 8.95
N GLU A 299 8.89 29.48 8.08
CA GLU A 299 8.55 30.00 6.76
C GLU A 299 7.61 31.21 6.86
N PHE A 300 6.62 31.17 7.77
CA PHE A 300 5.77 32.35 7.96
C PHE A 300 6.59 33.55 8.37
N GLU A 301 7.50 33.38 9.33
CA GLU A 301 8.31 34.50 9.80
C GLU A 301 9.20 35.05 8.71
N LYS A 302 9.72 34.18 7.82
CA LYS A 302 10.53 34.66 6.70
C LYS A 302 9.68 35.45 5.69
N ARG A 303 8.47 34.97 5.41
CA ARG A 303 7.54 35.72 4.56
C ARG A 303 7.22 37.08 5.16
N LYS A 304 6.97 37.13 6.47
CA LYS A 304 6.79 38.41 7.15
C LYS A 304 7.97 39.33 6.87
N MET A 305 9.20 38.83 7.06
CA MET A 305 10.34 39.73 6.94
C MET A 305 10.53 40.19 5.50
N LEU A 306 10.36 39.26 4.55
CA LEU A 306 10.50 39.59 3.13
C LEU A 306 9.45 40.61 2.70
N GLU A 307 8.20 40.43 3.14
CA GLU A 307 7.14 41.35 2.75
C GLU A 307 7.43 42.77 3.27
N ASN A 308 7.98 42.87 4.48
CA ASN A 308 8.29 44.17 5.05
C ASN A 308 9.57 44.75 4.46
N LEU A 309 10.46 43.89 3.96
CA LEU A 309 11.73 44.35 3.43
C LEU A 309 11.56 44.95 2.04
N TYR A 310 10.79 44.27 1.16
CA TYR A 310 10.70 44.61 -0.26
C TYR A 310 9.29 44.98 -0.74
N PHE A 311 8.24 44.71 0.02
CA PHE A 311 6.89 44.82 -0.51
C PHE A 311 5.98 45.62 0.42
N GLN A 312 6.51 46.70 0.97
CA GLN A 312 5.67 47.60 1.74
C GLN A 312 4.75 48.37 0.79
N MET B 1 2.12 -12.17 -1.12
CA MET B 1 2.28 -13.61 -1.17
C MET B 1 3.07 -14.03 -2.42
N ASN B 2 3.37 -15.32 -2.52
CA ASN B 2 4.25 -15.85 -3.55
C ASN B 2 3.75 -17.21 -4.01
N LEU B 3 3.89 -17.50 -5.30
CA LEU B 3 3.61 -18.82 -5.87
C LEU B 3 4.87 -19.41 -6.50
N GLN B 4 5.06 -20.72 -6.31
CA GLN B 4 6.11 -21.42 -7.04
C GLN B 4 5.74 -21.47 -8.53
N GLU B 5 6.76 -21.73 -9.36
CA GLU B 5 6.54 -21.78 -10.80
C GLU B 5 5.44 -22.76 -11.19
N TYR B 6 5.42 -23.95 -10.58
CA TYR B 6 4.40 -24.92 -10.99
C TYR B 6 3.00 -24.47 -10.59
N GLN B 7 2.90 -23.65 -9.53
CA GLN B 7 1.60 -23.17 -9.07
C GLN B 7 1.06 -22.06 -9.96
N SER B 8 1.90 -21.11 -10.39
CA SER B 8 1.40 -20.07 -11.27
C SER B 8 1.07 -20.61 -12.65
N LYS B 9 1.90 -21.53 -13.17
CA LYS B 9 1.68 -22.08 -14.49
C LYS B 9 0.44 -22.97 -14.57
N LYS B 10 0.14 -23.74 -13.52
CA LYS B 10 -1.13 -24.47 -13.49
C LYS B 10 -2.31 -23.51 -13.48
N LEU B 11 -2.22 -22.46 -12.66
CA LEU B 11 -3.28 -21.46 -12.59
C LEU B 11 -3.52 -20.84 -13.96
N MET B 12 -2.44 -20.47 -14.65
CA MET B 12 -2.60 -19.96 -16.01
C MET B 12 -3.15 -21.03 -16.94
N SER B 13 -2.56 -22.23 -16.92
CA SER B 13 -2.99 -23.29 -17.82
C SER B 13 -4.45 -23.67 -17.58
N ASP B 14 -4.89 -23.65 -16.32
CA ASP B 14 -6.30 -23.94 -16.02
C ASP B 14 -7.25 -22.86 -16.50
N ASN B 15 -6.72 -21.70 -16.88
CA ASN B 15 -7.55 -20.61 -17.38
C ASN B 15 -7.29 -20.34 -18.85
N GLY B 16 -6.87 -21.38 -19.59
CA GLY B 16 -6.75 -21.31 -21.03
C GLY B 16 -5.50 -20.64 -21.54
N VAL B 17 -4.59 -20.22 -20.65
CA VAL B 17 -3.32 -19.64 -21.06
C VAL B 17 -2.37 -20.77 -21.44
N ARG B 18 -1.61 -20.58 -22.53
CA ARG B 18 -0.75 -21.65 -23.06
C ARG B 18 0.61 -21.58 -22.39
N VAL B 19 0.94 -22.63 -21.63
CA VAL B 19 2.25 -22.81 -21.03
C VAL B 19 2.83 -24.12 -21.55
N GLN B 20 4.13 -24.31 -21.32
CA GLN B 20 4.70 -25.60 -21.67
C GLN B 20 4.15 -26.69 -20.76
N ARG B 21 3.79 -27.82 -21.36
CA ARG B 21 3.24 -28.95 -20.62
C ARG B 21 4.25 -29.45 -19.59
N PHE B 22 3.79 -29.78 -18.38
CA PHE B 22 4.74 -30.12 -17.33
C PHE B 22 4.11 -31.04 -16.30
N PHE B 23 4.99 -31.68 -15.52
CA PHE B 23 4.61 -32.39 -14.31
C PHE B 23 5.53 -31.96 -13.18
N VAL B 24 5.08 -32.19 -11.95
CA VAL B 24 5.80 -31.82 -10.75
C VAL B 24 6.23 -33.09 -10.04
N ALA B 25 7.47 -33.14 -9.58
CA ALA B 25 8.04 -34.33 -8.99
C ALA B 25 8.57 -34.04 -7.59
N ASP B 26 8.26 -34.95 -6.65
CA ASP B 26 8.80 -34.93 -5.30
C ASP B 26 10.04 -35.82 -5.13
N THR B 27 10.24 -36.80 -6.01
CA THR B 27 11.38 -37.69 -5.90
C THR B 27 12.04 -37.84 -7.26
N ALA B 28 13.29 -38.29 -7.25
CA ALA B 28 14.00 -38.56 -8.49
C ALA B 28 13.25 -39.57 -9.35
N ASN B 29 12.62 -40.56 -8.71
CA ASN B 29 11.87 -41.57 -9.45
C ASN B 29 10.64 -40.96 -10.11
N GLU B 30 9.93 -40.07 -9.41
CA GLU B 30 8.80 -39.37 -10.03
C GLU B 30 9.26 -38.51 -11.20
N ALA B 31 10.40 -37.81 -11.04
CA ALA B 31 10.95 -37.02 -12.14
C ALA B 31 11.26 -37.91 -13.33
N LEU B 32 11.88 -39.07 -13.08
CA LEU B 32 12.07 -40.07 -14.13
C LEU B 32 10.76 -40.37 -14.83
N GLU B 33 9.73 -40.74 -14.06
CA GLU B 33 8.45 -41.13 -14.66
C GLU B 33 7.80 -39.97 -15.40
N ALA B 34 7.75 -38.79 -14.78
CA ALA B 34 7.20 -37.63 -15.45
C ALA B 34 7.88 -37.41 -16.80
N ALA B 35 9.21 -37.55 -16.83
CA ALA B 35 9.95 -37.31 -18.07
C ALA B 35 9.52 -38.29 -19.16
N LYS B 36 9.37 -39.57 -18.81
CA LYS B 36 8.85 -40.54 -19.77
C LYS B 36 7.43 -40.17 -20.18
N ARG B 37 6.61 -39.72 -19.24
CA ARG B 37 5.21 -39.41 -19.52
C ARG B 37 5.06 -38.27 -20.52
N LEU B 38 6.01 -37.33 -20.55
CA LEU B 38 5.89 -36.16 -21.42
C LEU B 38 5.90 -36.54 -22.90
N ASN B 39 6.70 -37.55 -23.26
CA ASN B 39 6.92 -37.90 -24.66
C ASN B 39 7.32 -36.67 -25.46
N ALA B 40 8.20 -35.87 -24.88
CA ALA B 40 8.67 -34.65 -25.52
C ALA B 40 9.96 -34.93 -26.28
N LYS B 41 10.19 -34.15 -27.33
CA LYS B 41 11.50 -34.25 -27.99
C LYS B 41 12.62 -33.87 -27.03
N GLU B 42 12.47 -32.73 -26.33
CA GLU B 42 13.43 -32.32 -25.32
C GLU B 42 12.70 -31.96 -24.03
N ILE B 43 13.39 -32.18 -22.91
CA ILE B 43 12.85 -32.00 -21.58
C ILE B 43 13.66 -30.94 -20.85
N VAL B 44 12.98 -30.06 -20.13
CA VAL B 44 13.66 -29.10 -19.27
C VAL B 44 13.25 -29.39 -17.83
N LEU B 45 14.26 -29.59 -16.98
CA LEU B 45 14.07 -29.89 -15.56
C LEU B 45 14.37 -28.62 -14.78
N LYS B 46 13.48 -28.24 -13.86
CA LYS B 46 13.58 -26.93 -13.22
C LYS B 46 13.32 -27.08 -11.73
N ALA B 47 14.33 -26.75 -10.93
CA ALA B 47 14.18 -26.71 -9.48
C ALA B 47 13.17 -25.65 -9.10
N GLN B 48 12.33 -25.97 -8.12
CA GLN B 48 11.24 -25.07 -7.73
C GLN B 48 11.65 -24.29 -6.50
N ILE B 49 12.22 -23.10 -6.74
CA ILE B 49 12.38 -22.07 -5.72
C ILE B 49 11.91 -20.75 -6.33
N LEU B 50 11.71 -19.76 -5.46
CA LEU B 50 11.16 -18.49 -5.91
C LEU B 50 12.21 -17.52 -6.44
N ALA B 51 13.43 -17.61 -5.91
CA ALA B 51 14.48 -16.68 -6.29
C ALA B 51 14.88 -16.91 -7.75
N GLY B 52 15.30 -15.83 -8.40
CA GLY B 52 15.75 -15.91 -9.78
C GLY B 52 17.14 -16.50 -9.91
N GLY B 53 17.62 -16.55 -11.15
CA GLY B 53 18.94 -17.06 -11.43
C GLY B 53 19.12 -18.55 -11.24
N ARG B 54 18.04 -19.33 -11.37
CA ARG B 54 18.14 -20.76 -11.10
C ARG B 54 19.10 -21.46 -12.04
N GLY B 55 19.18 -21.01 -13.30
CA GLY B 55 19.98 -21.72 -14.28
C GLY B 55 21.47 -21.75 -13.95
N LYS B 56 21.99 -20.61 -13.49
CA LYS B 56 23.41 -20.49 -13.13
C LYS B 56 23.69 -20.86 -11.68
N GLY B 57 22.68 -21.28 -10.92
CA GLY B 57 22.87 -21.62 -9.52
C GLY B 57 23.57 -22.95 -9.31
N VAL B 58 23.86 -23.23 -8.04
CA VAL B 58 24.65 -24.39 -7.64
C VAL B 58 24.00 -25.04 -6.43
N PHE B 59 23.98 -26.37 -6.41
CA PHE B 59 23.45 -27.12 -5.28
C PHE B 59 24.57 -27.49 -4.34
N ASN B 60 24.23 -27.66 -3.05
CA ASN B 60 25.22 -28.14 -2.10
C ASN B 60 25.48 -29.63 -2.23
N SER B 61 24.73 -30.32 -3.11
CA SER B 61 25.11 -31.66 -3.55
C SER B 61 26.33 -31.66 -4.46
N GLY B 62 26.76 -30.50 -4.95
CA GLY B 62 27.79 -30.39 -5.95
C GLY B 62 27.25 -30.08 -7.34
N LEU B 63 26.00 -30.46 -7.61
CA LEU B 63 25.41 -30.22 -8.92
C LEU B 63 25.44 -28.75 -9.28
N LYS B 64 25.91 -28.45 -10.49
CA LYS B 64 25.82 -27.12 -11.06
C LYS B 64 24.57 -27.03 -11.92
N GLY B 65 23.81 -25.93 -11.74
CA GLY B 65 22.63 -25.66 -12.54
C GLY B 65 21.31 -26.12 -11.95
N GLY B 66 20.40 -25.18 -11.69
CA GLY B 66 19.06 -25.53 -11.26
C GLY B 66 18.07 -25.72 -12.37
N VAL B 67 18.49 -25.43 -13.60
CA VAL B 67 17.75 -25.68 -14.83
C VAL B 67 18.65 -26.52 -15.72
N HIS B 68 18.17 -27.68 -16.14
CA HIS B 68 18.88 -28.56 -17.06
C HIS B 68 17.94 -28.97 -18.18
N LEU B 69 18.49 -29.08 -19.39
CA LEU B 69 17.80 -29.64 -20.55
C LEU B 69 18.43 -30.97 -20.93
N THR B 70 17.58 -31.91 -21.35
CA THR B 70 18.05 -33.18 -21.89
C THR B 70 16.92 -33.82 -22.69
N LYS B 71 17.29 -34.81 -23.50
CA LYS B 71 16.32 -35.65 -24.21
C LYS B 71 16.05 -36.96 -23.50
N ASP B 72 16.79 -37.26 -22.42
CA ASP B 72 16.85 -38.60 -21.85
C ASP B 72 16.23 -38.61 -20.47
N PRO B 73 15.09 -39.29 -20.25
CA PRO B 73 14.48 -39.31 -18.92
C PRO B 73 15.39 -39.82 -17.81
N ASN B 74 16.29 -40.78 -18.09
CA ASN B 74 17.24 -41.23 -17.07
C ASN B 74 18.09 -40.07 -16.57
N VAL B 75 18.51 -39.19 -17.49
CA VAL B 75 19.28 -38.02 -17.10
C VAL B 75 18.44 -37.10 -16.21
N VAL B 76 17.13 -36.99 -16.51
CA VAL B 76 16.20 -36.26 -15.63
C VAL B 76 16.19 -36.87 -14.24
N GLY B 77 16.17 -38.20 -14.15
CA GLY B 77 16.19 -38.85 -12.85
C GLY B 77 17.48 -38.61 -12.09
N GLN B 78 18.61 -38.79 -12.78
CA GLN B 78 19.91 -38.65 -12.14
C GLN B 78 20.12 -37.22 -11.62
N LEU B 79 19.73 -36.23 -12.42
CA LEU B 79 19.89 -34.84 -12.02
C LEU B 79 18.91 -34.48 -10.91
N ALA B 80 17.70 -35.03 -10.95
CA ALA B 80 16.72 -34.70 -9.93
C ALA B 80 17.19 -35.17 -8.55
N LYS B 81 17.76 -36.38 -8.49
CA LYS B 81 18.27 -36.90 -7.21
C LYS B 81 19.39 -36.01 -6.66
N GLN B 82 20.10 -35.29 -7.52
CA GLN B 82 21.06 -34.30 -7.06
C GLN B 82 20.41 -32.98 -6.68
N MET B 83 19.11 -32.84 -6.90
CA MET B 83 18.39 -31.60 -6.62
C MET B 83 17.52 -31.68 -5.37
N ILE B 84 16.69 -32.72 -5.26
CA ILE B 84 15.65 -32.76 -4.25
C ILE B 84 16.25 -33.06 -2.89
N GLY B 85 15.81 -32.33 -1.88
CA GLY B 85 16.40 -32.41 -0.56
C GLY B 85 17.69 -31.65 -0.40
N TYR B 86 18.16 -30.94 -1.43
CA TYR B 86 19.37 -30.14 -1.35
C TYR B 86 19.00 -28.66 -1.44
N ASN B 87 20.00 -27.82 -1.20
CA ASN B 87 19.82 -26.37 -1.21
C ASN B 87 20.43 -25.77 -2.47
N LEU B 88 19.62 -25.02 -3.21
CA LEU B 88 20.04 -24.36 -4.43
C LEU B 88 20.34 -22.90 -4.14
N ALA B 89 21.60 -22.51 -4.31
CA ALA B 89 22.01 -21.13 -4.14
C ALA B 89 22.17 -20.49 -5.50
N THR B 90 21.69 -19.24 -5.61
CA THR B 90 21.76 -18.47 -6.85
C THR B 90 22.22 -17.06 -6.51
N LYS B 91 22.44 -16.26 -7.55
CA LYS B 91 22.82 -14.87 -7.32
C LYS B 91 21.77 -14.09 -6.52
N GLN B 92 20.55 -14.60 -6.39
CA GLN B 92 19.48 -13.88 -5.70
C GLN B 92 19.07 -14.54 -4.39
N THR B 93 19.77 -15.59 -3.97
CA THR B 93 19.52 -16.24 -2.68
C THR B 93 20.64 -15.88 -1.69
N PRO B 94 20.39 -16.06 -0.39
CA PRO B 94 21.50 -16.06 0.56
C PRO B 94 22.50 -17.17 0.23
N LYS B 95 23.71 -17.01 0.75
CA LYS B 95 24.80 -17.91 0.39
C LYS B 95 24.45 -19.38 0.62
N GLU B 96 23.59 -19.66 1.59
CA GLU B 96 23.23 -21.03 1.95
C GLU B 96 22.10 -21.60 1.10
N GLY B 97 21.52 -20.80 0.20
CA GLY B 97 20.55 -21.30 -0.77
C GLY B 97 19.18 -21.61 -0.16
N VAL B 98 18.38 -22.28 -0.98
CA VAL B 98 16.98 -22.56 -0.65
C VAL B 98 16.73 -24.05 -0.87
N LYS B 99 16.14 -24.71 0.13
CA LYS B 99 15.87 -26.12 0.00
C LYS B 99 14.88 -26.38 -1.15
N VAL B 100 15.21 -27.38 -1.97
CA VAL B 100 14.42 -27.78 -3.12
C VAL B 100 13.61 -29.01 -2.73
N ASN B 101 12.29 -28.86 -2.63
CA ASN B 101 11.43 -30.01 -2.33
C ASN B 101 10.74 -30.57 -3.56
N LYS B 102 10.64 -29.79 -4.63
CA LYS B 102 9.95 -30.24 -5.83
C LYS B 102 10.73 -29.79 -7.04
N VAL B 103 10.61 -30.56 -8.12
CA VAL B 103 11.16 -30.15 -9.40
C VAL B 103 10.02 -30.16 -10.44
N MET B 104 10.11 -29.25 -11.38
CA MET B 104 9.23 -29.28 -12.53
C MET B 104 9.93 -30.04 -13.66
N VAL B 105 9.19 -30.96 -14.28
CA VAL B 105 9.65 -31.67 -15.48
C VAL B 105 8.73 -31.22 -16.60
N ALA B 106 9.26 -30.47 -17.57
CA ALA B 106 8.43 -29.83 -18.58
C ALA B 106 8.97 -30.10 -19.98
N GLU B 107 8.07 -30.02 -20.96
CA GLU B 107 8.51 -30.03 -22.34
C GLU B 107 9.35 -28.79 -22.61
N ALA B 108 10.56 -29.01 -23.13
CA ALA B 108 11.40 -27.90 -23.53
C ALA B 108 10.98 -27.47 -24.92
N LEU B 109 10.62 -26.19 -25.05
CA LEU B 109 10.19 -25.60 -26.31
C LEU B 109 11.21 -24.56 -26.73
N ASP B 110 11.64 -24.60 -27.98
CA ASP B 110 12.48 -23.54 -28.52
C ASP B 110 11.66 -22.25 -28.61
N ILE B 111 12.34 -21.13 -28.49
CA ILE B 111 11.69 -19.84 -28.65
C ILE B 111 12.32 -19.14 -29.85
N SER B 112 11.47 -18.70 -30.78
CA SER B 112 11.96 -17.96 -31.94
C SER B 112 12.16 -16.50 -31.62
N ARG B 113 11.22 -15.89 -30.91
CA ARG B 113 11.34 -14.49 -30.53
C ARG B 113 10.77 -14.29 -29.14
N GLU B 114 11.38 -13.38 -28.39
CA GLU B 114 11.03 -13.08 -27.02
C GLU B 114 10.39 -11.70 -26.96
N THR B 115 9.20 -11.62 -26.38
CA THR B 115 8.53 -10.36 -26.12
C THR B 115 8.17 -10.29 -24.65
N TYR B 116 7.76 -9.10 -24.23
CA TYR B 116 7.27 -8.84 -22.89
C TYR B 116 5.78 -8.55 -22.95
N LEU B 117 5.02 -9.10 -22.01
CA LEU B 117 3.60 -8.81 -21.95
C LEU B 117 3.10 -8.88 -20.51
N ALA B 118 2.54 -7.78 -20.02
CA ALA B 118 1.97 -7.75 -18.68
C ALA B 118 0.62 -7.05 -18.69
N ILE B 119 -0.17 -7.34 -17.67
CA ILE B 119 -1.38 -6.59 -17.34
C ILE B 119 -1.22 -6.15 -15.90
N LEU B 120 -1.48 -4.88 -15.62
CA LEU B 120 -1.33 -4.39 -14.26
C LEU B 120 -2.43 -3.40 -13.94
N MET B 121 -2.77 -3.30 -12.66
CA MET B 121 -3.58 -2.22 -12.15
C MET B 121 -2.68 -1.01 -12.05
N ASP B 122 -2.86 -0.06 -12.95
CA ASP B 122 -1.96 1.07 -13.04
C ASP B 122 -2.60 2.25 -12.34
N ARG B 123 -1.99 2.70 -11.23
CA ARG B 123 -2.54 3.82 -10.46
C ARG B 123 -2.65 5.06 -11.32
N SER B 124 -1.70 5.27 -12.22
CA SER B 124 -1.68 6.47 -13.04
C SER B 124 -2.91 6.55 -13.92
N CYS B 125 -3.38 5.39 -14.40
CA CYS B 125 -4.43 5.32 -15.42
C CYS B 125 -5.80 4.99 -14.85
N ASN B 126 -5.95 4.91 -13.53
CA ASN B 126 -7.24 4.59 -12.87
C ASN B 126 -7.76 3.19 -13.21
N GLY B 127 -6.96 2.26 -13.72
CA GLY B 127 -7.47 0.94 -14.05
C GLY B 127 -6.46 0.02 -14.69
N PRO B 128 -6.93 -1.10 -15.25
CA PRO B 128 -6.00 -2.06 -15.86
C PRO B 128 -5.42 -1.52 -17.15
N VAL B 129 -4.14 -1.80 -17.37
CA VAL B 129 -3.51 -1.46 -18.64
C VAL B 129 -2.64 -2.63 -19.08
N LEU B 130 -2.65 -2.88 -20.39
CA LEU B 130 -1.71 -3.84 -20.98
C LEU B 130 -0.39 -3.15 -21.23
N VAL B 131 0.71 -3.84 -20.90
CA VAL B 131 2.05 -3.32 -21.08
C VAL B 131 2.83 -4.36 -21.86
N GLY B 132 3.40 -3.96 -22.99
CA GLY B 132 4.03 -4.90 -23.90
C GLY B 132 5.24 -4.31 -24.58
N SER B 133 6.18 -5.18 -24.95
CA SER B 133 7.37 -4.74 -25.65
C SER B 133 7.89 -5.85 -26.53
N PRO B 134 8.32 -5.54 -27.76
CA PRO B 134 9.04 -6.55 -28.55
C PRO B 134 10.39 -6.92 -27.96
N GLN B 135 10.90 -6.16 -27.01
CA GLN B 135 12.19 -6.47 -26.38
C GLN B 135 11.94 -7.36 -25.17
N GLY B 136 11.89 -8.68 -25.40
CA GLY B 136 11.64 -9.62 -24.33
C GLY B 136 12.92 -10.13 -23.68
N GLY B 137 12.77 -10.64 -22.45
CA GLY B 137 13.88 -11.28 -21.76
C GLY B 137 14.71 -10.36 -20.88
N VAL B 138 14.28 -9.12 -20.72
CA VAL B 138 15.00 -8.12 -19.95
C VAL B 138 14.00 -7.45 -19.03
N ASP B 139 14.46 -7.04 -17.85
CA ASP B 139 13.57 -6.37 -16.92
C ASP B 139 12.91 -5.18 -17.60
N ILE B 140 11.62 -5.00 -17.34
CA ILE B 140 10.88 -3.98 -18.05
C ILE B 140 11.45 -2.60 -17.75
N GLU B 141 11.90 -2.38 -16.50
CA GLU B 141 12.50 -1.09 -16.14
C GLU B 141 13.70 -0.76 -17.01
N GLU B 142 14.47 -1.79 -17.39
CA GLU B 142 15.62 -1.62 -18.27
C GLU B 142 15.22 -1.12 -19.65
N VAL B 143 14.20 -1.75 -20.25
CA VAL B 143 13.69 -1.27 -21.54
C VAL B 143 13.23 0.17 -21.43
N ALA B 144 12.46 0.48 -20.37
CA ALA B 144 11.97 1.84 -20.19
C ALA B 144 13.10 2.85 -20.14
N ALA B 145 14.21 2.49 -19.49
CA ALA B 145 15.37 3.38 -19.45
C ALA B 145 16.08 3.45 -20.81
N SER B 146 16.37 2.29 -21.40
CA SER B 146 17.07 2.25 -22.68
C SER B 146 16.19 2.74 -23.82
N ASN B 147 15.03 2.11 -24.00
CA ASN B 147 14.23 2.26 -25.22
C ASN B 147 12.76 2.37 -24.89
N PRO B 148 12.36 3.45 -24.21
CA PRO B 148 10.95 3.55 -23.78
C PRO B 148 9.97 3.58 -24.95
N GLU B 149 10.43 3.93 -26.15
CA GLU B 149 9.56 3.91 -27.32
C GLU B 149 9.10 2.51 -27.68
N LEU B 150 9.82 1.49 -27.22
CA LEU B 150 9.43 0.10 -27.44
C LEU B 150 8.49 -0.42 -26.35
N ILE B 151 7.99 0.47 -25.48
CA ILE B 151 6.97 0.11 -24.49
C ILE B 151 5.62 0.58 -25.03
N PHE B 152 4.73 -0.36 -25.31
CA PHE B 152 3.37 -0.08 -25.77
C PHE B 152 2.38 -0.34 -24.65
N LYS B 153 1.34 0.49 -24.56
CA LYS B 153 0.34 0.35 -23.53
C LYS B 153 -1.05 0.54 -24.12
N GLU B 154 -2.02 -0.18 -23.54
CA GLU B 154 -3.44 -0.03 -23.85
C GLU B 154 -4.17 0.10 -22.53
N GLN B 155 -5.03 1.11 -22.41
CA GLN B 155 -5.86 1.25 -21.22
C GLN B 155 -7.14 0.46 -21.42
N ILE B 156 -7.45 -0.43 -20.48
CA ILE B 156 -8.58 -1.35 -20.60
C ILE B 156 -9.70 -0.86 -19.70
N ASP B 157 -10.87 -0.60 -20.29
CA ASP B 157 -12.01 -0.12 -19.50
C ASP B 157 -12.56 -1.27 -18.65
N ILE B 158 -12.65 -1.06 -17.34
CA ILE B 158 -12.94 -2.15 -16.40
C ILE B 158 -14.29 -2.78 -16.67
N PHE B 159 -15.27 -2.02 -17.16
CA PHE B 159 -16.60 -2.60 -17.40
C PHE B 159 -16.78 -3.10 -18.83
N GLU B 160 -16.13 -2.47 -19.81
CA GLU B 160 -16.17 -2.98 -21.19
C GLU B 160 -15.37 -4.28 -21.32
N GLY B 161 -14.31 -4.46 -20.52
CA GLY B 161 -13.39 -5.54 -20.72
C GLY B 161 -12.47 -5.33 -21.90
N ILE B 162 -11.45 -6.19 -22.06
CA ILE B 162 -10.50 -6.01 -23.16
C ILE B 162 -11.24 -6.17 -24.48
N LYS B 163 -10.94 -5.28 -25.42
CA LYS B 163 -11.54 -5.31 -26.74
C LYS B 163 -10.65 -6.09 -27.70
N ASP B 164 -11.30 -6.77 -28.66
CA ASP B 164 -10.56 -7.47 -29.70
C ASP B 164 -9.55 -6.55 -30.37
N SER B 165 -9.97 -5.31 -30.67
CA SER B 165 -9.08 -4.36 -31.33
C SER B 165 -7.85 -4.08 -30.46
N GLN B 166 -8.04 -4.01 -29.14
CA GLN B 166 -6.91 -3.74 -28.24
C GLN B 166 -5.96 -4.94 -28.19
N ALA B 167 -6.48 -6.15 -28.09
CA ALA B 167 -5.61 -7.33 -28.09
C ALA B 167 -4.89 -7.48 -29.43
N GLN B 168 -5.59 -7.17 -30.54
CA GLN B 168 -4.98 -7.27 -31.86
C GLN B 168 -3.85 -6.26 -32.01
N ARG B 169 -4.07 -5.02 -31.58
CA ARG B 169 -3.07 -3.96 -31.76
C ARG B 169 -1.84 -4.22 -30.88
N MET B 170 -2.04 -4.73 -29.66
CA MET B 170 -0.88 -5.07 -28.85
C MET B 170 -0.07 -6.21 -29.49
N ALA B 171 -0.77 -7.23 -30.00
CA ALA B 171 -0.08 -8.33 -30.67
C ALA B 171 0.76 -7.80 -31.84
N GLU B 172 0.15 -6.97 -32.69
CA GLU B 172 0.91 -6.28 -33.73
C GLU B 172 2.09 -5.51 -33.14
N ASN B 173 1.85 -4.75 -32.07
CA ASN B 173 2.93 -3.97 -31.47
C ASN B 173 4.07 -4.86 -30.99
N LEU B 174 3.80 -6.13 -30.69
CA LEU B 174 4.86 -7.03 -30.23
C LEU B 174 5.48 -7.84 -31.36
N GLY B 175 5.04 -7.66 -32.60
CA GLY B 175 5.67 -8.30 -33.74
C GLY B 175 5.11 -9.64 -34.16
N PHE B 176 3.92 -10.02 -33.70
CA PHE B 176 3.28 -11.24 -34.17
C PHE B 176 2.52 -10.92 -35.45
N VAL B 177 2.81 -11.65 -36.53
CA VAL B 177 2.22 -11.37 -37.83
C VAL B 177 1.39 -12.57 -38.27
N GLY B 178 0.42 -12.30 -39.14
CA GLY B 178 -0.40 -13.33 -39.73
C GLY B 178 -1.09 -14.21 -38.72
N PRO B 179 -0.78 -15.52 -38.76
CA PRO B 179 -1.52 -16.47 -37.91
C PRO B 179 -1.17 -16.37 -36.44
N LEU B 180 0.03 -15.90 -36.10
CA LEU B 180 0.41 -15.78 -34.71
C LEU B 180 -0.09 -14.48 -34.08
N LYS B 181 -0.53 -13.52 -34.89
CA LYS B 181 -1.19 -12.34 -34.32
C LYS B 181 -2.49 -12.72 -33.63
N SER B 182 -3.38 -13.43 -34.35
CA SER B 182 -4.64 -13.84 -33.76
C SER B 182 -4.42 -14.76 -32.58
N GLN B 183 -3.39 -15.60 -32.64
CA GLN B 183 -3.07 -16.48 -31.53
C GLN B 183 -2.58 -15.69 -30.32
N ALA B 184 -1.64 -14.76 -30.53
CA ALA B 184 -1.18 -13.92 -29.44
C ALA B 184 -2.28 -13.02 -28.92
N ALA B 185 -3.13 -12.51 -29.82
CA ALA B 185 -4.25 -11.70 -29.39
C ALA B 185 -5.19 -12.50 -28.49
N ASP B 186 -5.43 -13.77 -28.84
CA ASP B 186 -6.29 -14.60 -28.01
C ASP B 186 -5.64 -14.88 -26.66
N GLN B 187 -4.33 -15.10 -26.64
CA GLN B 187 -3.63 -15.33 -25.39
C GLN B 187 -3.64 -14.09 -24.50
N ILE B 188 -3.50 -12.90 -25.10
CA ILE B 188 -3.59 -11.65 -24.35
C ILE B 188 -4.97 -11.50 -23.70
N THR B 189 -6.02 -11.82 -24.46
CA THR B 189 -7.38 -11.79 -23.90
C THR B 189 -7.51 -12.74 -22.71
N LYS B 190 -7.00 -13.98 -22.84
CA LYS B 190 -7.12 -14.94 -21.75
C LYS B 190 -6.30 -14.51 -20.54
N LEU B 191 -5.12 -13.92 -20.77
CA LEU B 191 -4.31 -13.40 -19.68
C LEU B 191 -5.01 -12.24 -18.97
N TYR B 192 -5.65 -11.35 -19.72
CA TYR B 192 -6.39 -10.26 -19.10
C TYR B 192 -7.51 -10.79 -18.22
N ASN B 193 -8.27 -11.77 -18.72
CA ASN B 193 -9.38 -12.31 -17.95
C ASN B 193 -8.89 -13.09 -16.73
N LEU B 194 -7.76 -13.80 -16.87
CA LEU B 194 -7.10 -14.38 -15.71
C LEU B 194 -6.78 -13.32 -14.68
N PHE B 195 -6.06 -12.27 -15.10
CA PHE B 195 -5.74 -11.12 -14.25
C PHE B 195 -6.93 -10.64 -13.44
N LEU B 196 -8.10 -10.53 -14.06
CA LEU B 196 -9.29 -10.06 -13.34
C LEU B 196 -9.81 -11.13 -12.38
N LYS B 197 -9.89 -12.38 -12.83
CA LYS B 197 -10.50 -13.42 -12.01
C LYS B 197 -9.77 -13.63 -10.70
N ILE B 198 -8.46 -13.44 -10.68
CA ILE B 198 -7.66 -13.79 -9.51
C ILE B 198 -7.30 -12.58 -8.66
N ASP B 199 -7.85 -11.40 -8.98
CA ASP B 199 -7.52 -10.17 -8.23
C ASP B 199 -6.00 -9.96 -8.19
N ALA B 200 -5.37 -10.16 -9.34
CA ALA B 200 -3.98 -9.79 -9.48
C ALA B 200 -3.86 -8.27 -9.49
N THR B 201 -2.76 -7.78 -8.94
CA THR B 201 -2.31 -6.43 -9.26
C THR B 201 -1.40 -6.41 -10.48
N GLN B 202 -0.76 -7.55 -10.80
CA GLN B 202 0.01 -7.66 -12.03
C GLN B 202 0.13 -9.12 -12.45
N VAL B 203 -0.03 -9.37 -13.74
CA VAL B 203 0.34 -10.64 -14.35
C VAL B 203 1.40 -10.29 -15.38
N GLU B 204 2.63 -10.73 -15.14
CA GLU B 204 3.78 -10.37 -15.97
C GLU B 204 4.28 -11.63 -16.67
N VAL B 205 4.24 -11.63 -18.00
CA VAL B 205 4.72 -12.75 -18.81
C VAL B 205 6.01 -12.31 -19.51
N ASN B 206 7.14 -12.96 -19.15
CA ASN B 206 8.46 -12.70 -19.75
C ASN B 206 9.34 -13.94 -19.71
N PRO B 207 9.61 -14.58 -20.86
CA PRO B 207 9.12 -14.07 -22.15
C PRO B 207 7.77 -14.62 -22.60
N PHE B 208 7.04 -13.74 -23.27
CA PHE B 208 5.84 -14.09 -24.02
C PHE B 208 6.33 -14.46 -25.41
N GLY B 209 6.28 -15.75 -25.74
CA GLY B 209 7.16 -16.32 -26.74
C GLY B 209 6.47 -17.00 -27.90
N GLU B 210 7.14 -16.98 -29.04
CA GLU B 210 6.72 -17.66 -30.26
C GLU B 210 7.71 -18.78 -30.54
N THR B 211 7.20 -20.01 -30.70
CA THR B 211 8.06 -21.15 -30.97
C THR B 211 8.29 -21.32 -32.48
N PRO B 212 9.38 -21.99 -32.88
CA PRO B 212 9.59 -22.23 -34.32
C PRO B 212 8.41 -22.89 -35.01
N GLU B 213 7.65 -23.72 -34.30
CA GLU B 213 6.51 -24.42 -34.87
C GLU B 213 5.26 -23.54 -34.97
N GLY B 214 5.37 -22.26 -34.64
CA GLY B 214 4.23 -21.35 -34.79
C GLY B 214 3.26 -21.33 -33.63
N GLN B 215 3.75 -21.48 -32.40
CA GLN B 215 2.93 -21.46 -31.20
C GLN B 215 3.28 -20.24 -30.35
N VAL B 216 2.27 -19.57 -29.82
CA VAL B 216 2.45 -18.49 -28.85
C VAL B 216 2.33 -19.10 -27.46
N VAL B 217 3.37 -18.95 -26.66
CA VAL B 217 3.49 -19.63 -25.37
C VAL B 217 3.96 -18.63 -24.31
N CYS B 218 3.39 -18.73 -23.10
CA CYS B 218 3.93 -18.04 -21.93
C CYS B 218 5.01 -18.92 -21.32
N PHE B 219 6.28 -18.57 -21.55
CA PHE B 219 7.38 -19.42 -21.10
C PHE B 219 7.63 -19.26 -19.60
N ASP B 220 7.50 -18.04 -19.08
CA ASP B 220 7.73 -17.76 -17.67
C ASP B 220 6.84 -16.59 -17.30
N ALA B 221 6.33 -16.60 -16.07
CA ALA B 221 5.40 -15.58 -15.64
C ALA B 221 5.58 -15.32 -14.16
N LYS B 222 5.16 -14.12 -13.74
CA LYS B 222 5.19 -13.72 -12.35
C LYS B 222 3.89 -12.99 -12.06
N ILE B 223 3.18 -13.40 -11.00
CA ILE B 223 1.89 -12.84 -10.64
C ILE B 223 2.00 -12.23 -9.25
N ASN B 224 1.56 -10.98 -9.12
CA ASN B 224 1.38 -10.28 -7.85
C ASN B 224 -0.10 -10.23 -7.55
N PHE B 225 -0.48 -10.55 -6.32
CA PHE B 225 -1.88 -10.60 -5.92
C PHE B 225 -2.21 -9.44 -5.00
N ASP B 226 -3.46 -8.99 -5.08
CA ASP B 226 -3.98 -7.94 -4.21
C ASP B 226 -4.30 -8.55 -2.85
N ASP B 227 -3.50 -8.19 -1.83
CA ASP B 227 -3.75 -8.68 -0.48
C ASP B 227 -5.16 -8.35 0.00
N ASN B 228 -5.77 -7.29 -0.53
CA ASN B 228 -7.09 -6.91 -0.04
C ASN B 228 -8.19 -7.85 -0.50
N ALA B 229 -7.93 -8.73 -1.47
CA ALA B 229 -8.93 -9.67 -1.96
C ALA B 229 -8.72 -11.09 -1.46
N GLU B 230 -7.83 -11.32 -0.49
CA GLU B 230 -7.65 -12.65 0.07
C GLU B 230 -8.99 -13.26 0.48
N PHE B 231 -9.90 -12.45 1.02
CA PHE B 231 -11.18 -12.98 1.47
C PHE B 231 -11.97 -13.63 0.33
N ARG B 232 -11.69 -13.26 -0.92
CA ARG B 232 -12.34 -13.93 -2.04
C ARG B 232 -11.36 -14.68 -2.90
N GLN B 233 -10.14 -14.89 -2.42
CA GLN B 233 -9.14 -15.69 -3.13
C GLN B 233 -8.50 -16.70 -2.18
N LYS B 234 -9.31 -17.30 -1.32
CA LYS B 234 -8.76 -18.17 -0.27
C LYS B 234 -7.95 -19.31 -0.87
N ASP B 235 -8.39 -19.88 -2.00
CA ASP B 235 -7.68 -21.02 -2.58
C ASP B 235 -6.28 -20.62 -3.04
N ILE B 236 -6.17 -19.47 -3.70
CA ILE B 236 -4.87 -18.99 -4.15
C ILE B 236 -3.98 -18.69 -2.94
N PHE B 237 -4.51 -17.96 -1.96
CA PHE B 237 -3.67 -17.60 -0.82
C PHE B 237 -3.31 -18.80 0.04
N ALA B 238 -4.09 -19.89 -0.01
CA ALA B 238 -3.67 -21.11 0.67
C ALA B 238 -2.41 -21.71 0.04
N MET B 239 -2.12 -21.38 -1.21
CA MET B 239 -0.91 -21.85 -1.90
C MET B 239 0.32 -21.01 -1.60
N ASP B 240 0.19 -19.96 -0.80
CA ASP B 240 1.31 -19.06 -0.51
C ASP B 240 2.54 -19.85 -0.09
N ASP B 241 3.66 -19.57 -0.76
CA ASP B 241 4.95 -20.17 -0.43
C ASP B 241 5.74 -19.16 0.39
N LYS B 242 5.86 -19.44 1.69
CA LYS B 242 6.49 -18.54 2.64
C LYS B 242 7.95 -18.88 2.93
N SER B 243 8.48 -19.96 2.34
CA SER B 243 9.75 -20.53 2.80
C SER B 243 10.98 -19.69 2.46
N GLU B 244 10.86 -18.64 1.65
CA GLU B 244 12.00 -17.77 1.42
C GLU B 244 11.80 -16.38 2.02
N ASN B 245 10.78 -16.21 2.85
CA ASN B 245 10.57 -14.95 3.55
C ASN B 245 11.46 -14.85 4.78
N GLU B 246 11.70 -13.61 5.21
CA GLU B 246 12.41 -13.37 6.44
C GLU B 246 11.64 -14.00 7.61
N PRO B 247 12.31 -14.74 8.51
CA PRO B 247 11.55 -15.49 9.54
C PRO B 247 10.62 -14.64 10.40
N ILE B 248 11.09 -13.49 10.88
CA ILE B 248 10.26 -12.68 11.77
C ILE B 248 9.04 -12.15 11.04
N GLU B 249 9.16 -11.88 9.73
CA GLU B 249 7.99 -11.51 8.93
C GLU B 249 6.99 -12.64 8.86
N ASN B 250 7.47 -13.88 8.67
CA ASN B 250 6.58 -15.04 8.68
C ASN B 250 5.90 -15.20 10.03
N GLU B 251 6.62 -14.94 11.12
CA GLU B 251 5.98 -14.99 12.43
C GLU B 251 4.91 -13.90 12.57
N ALA B 252 5.20 -12.70 12.08
CA ALA B 252 4.22 -11.60 12.20
C ALA B 252 2.96 -11.88 11.39
N ALA B 253 3.10 -12.51 10.22
CA ALA B 253 1.95 -12.74 9.37
C ALA B 253 0.94 -13.68 10.03
N LYS B 254 1.41 -14.56 10.91
CA LYS B 254 0.50 -15.45 11.63
C LYS B 254 -0.53 -14.67 12.42
N TYR B 255 -0.18 -13.44 12.83
CA TYR B 255 -1.09 -12.62 13.62
C TYR B 255 -1.61 -11.41 12.85
N ASP B 256 -1.58 -11.47 11.52
CA ASP B 256 -2.06 -10.38 10.67
C ASP B 256 -1.31 -9.08 10.92
N LEU B 257 -0.02 -9.16 11.25
CA LEU B 257 0.81 -8.01 11.56
C LEU B 257 1.66 -7.63 10.34
N LYS B 258 1.81 -6.33 10.11
CA LYS B 258 2.63 -5.79 9.03
C LYS B 258 4.01 -5.44 9.60
N TYR B 259 4.96 -6.36 9.45
CA TYR B 259 6.31 -6.25 9.95
C TYR B 259 7.27 -6.43 8.78
N ILE B 260 8.27 -5.56 8.70
CA ILE B 260 9.29 -5.66 7.67
C ILE B 260 10.66 -5.55 8.34
N GLY B 261 11.49 -6.58 8.16
CA GLY B 261 12.78 -6.60 8.82
C GLY B 261 13.76 -5.70 8.09
N LEU B 262 14.50 -4.91 8.87
CA LEU B 262 15.51 -4.00 8.35
C LEU B 262 16.88 -4.36 8.93
N ASP B 263 17.88 -3.55 8.57
CA ASP B 263 19.28 -3.79 8.91
C ASP B 263 19.73 -2.87 10.05
N GLY B 264 19.15 -3.08 11.24
CA GLY B 264 19.45 -2.17 12.33
C GLY B 264 19.33 -2.84 13.68
N ASN B 265 19.51 -2.00 14.72
CA ASN B 265 19.45 -2.48 16.09
C ASN B 265 18.47 -1.73 16.97
N ILE B 266 17.76 -0.75 16.45
CA ILE B 266 16.73 -0.03 17.19
C ILE B 266 15.37 -0.46 16.64
N ALA B 267 14.64 -1.24 17.43
CA ALA B 267 13.32 -1.72 17.04
C ALA B 267 12.29 -0.60 17.09
N CYS B 268 11.29 -0.70 16.20
CA CYS B 268 10.21 0.28 16.12
C CYS B 268 8.86 -0.40 16.34
N PHE B 269 8.02 0.25 17.14
CA PHE B 269 6.71 -0.26 17.52
C PHE B 269 5.75 0.92 17.36
N VAL B 270 5.03 0.98 16.24
CA VAL B 270 4.29 2.17 15.84
C VAL B 270 2.93 1.75 15.28
N ASN B 271 1.96 2.64 15.40
CA ASN B 271 0.68 2.48 14.72
C ASN B 271 0.67 3.39 13.49
N GLY B 272 0.16 2.85 12.38
CA GLY B 272 0.00 3.60 11.14
C GLY B 272 1.16 3.46 10.19
N ALA B 273 0.88 3.34 8.88
CA ALA B 273 1.94 3.13 7.92
C ALA B 273 2.82 4.36 7.81
N GLY B 274 2.20 5.54 7.72
CA GLY B 274 2.97 6.76 7.59
C GLY B 274 3.85 7.01 8.80
N LEU B 275 3.27 6.91 10.01
CA LEU B 275 4.04 7.16 11.23
C LEU B 275 5.13 6.11 11.42
N ALA B 276 4.85 4.85 11.05
CA ALA B 276 5.87 3.81 11.19
C ALA B 276 7.04 4.06 10.25
N MET B 277 6.76 4.35 8.97
CA MET B 277 7.85 4.72 8.04
C MET B 277 8.64 5.89 8.60
N ALA B 278 7.95 6.94 9.09
CA ALA B 278 8.64 8.13 9.54
C ALA B 278 9.46 7.86 10.80
N THR B 279 9.02 6.94 11.65
CA THR B 279 9.80 6.58 12.84
C THR B 279 11.11 5.91 12.44
N CYS B 280 11.06 4.96 11.50
CA CYS B 280 12.30 4.42 10.96
C CYS B 280 13.18 5.54 10.40
N ASP B 281 12.57 6.48 9.67
CA ASP B 281 13.33 7.55 9.04
C ASP B 281 13.98 8.46 10.08
N ILE B 282 13.25 8.83 11.12
CA ILE B 282 13.82 9.80 12.04
C ILE B 282 14.92 9.15 12.90
N ILE B 283 14.86 7.83 13.09
CA ILE B 283 16.00 7.15 13.68
C ILE B 283 17.23 7.31 12.81
N PHE B 284 17.08 7.01 11.52
CA PHE B 284 18.20 7.19 10.59
C PHE B 284 18.70 8.63 10.61
N LEU B 285 17.77 9.59 10.57
CA LEU B 285 18.19 10.99 10.51
C LEU B 285 18.99 11.41 11.73
N ASN B 286 18.74 10.81 12.90
CA ASN B 286 19.49 11.13 14.11
C ASN B 286 20.68 10.22 14.31
N GLY B 287 21.11 9.51 13.26
CA GLY B 287 22.35 8.75 13.32
C GLY B 287 22.23 7.33 13.81
N GLY B 288 21.02 6.76 13.86
CA GLY B 288 20.82 5.38 14.26
C GLY B 288 20.39 4.51 13.09
N LYS B 289 20.20 3.23 13.40
CA LYS B 289 19.82 2.24 12.39
C LYS B 289 18.59 1.49 12.87
N PRO B 290 17.43 1.71 12.23
CA PRO B 290 16.20 1.03 12.68
C PRO B 290 16.29 -0.46 12.40
N ALA B 291 15.79 -1.26 13.35
CA ALA B 291 15.85 -2.71 13.17
C ALA B 291 14.67 -3.27 12.38
N ASN B 292 13.58 -2.53 12.27
CA ASN B 292 12.38 -3.05 11.60
C ASN B 292 11.41 -1.91 11.36
N PHE B 293 10.48 -2.17 10.44
CA PHE B 293 9.25 -1.43 10.28
C PHE B 293 8.14 -2.27 10.89
N LEU B 294 7.25 -1.64 11.67
CA LEU B 294 6.08 -2.34 12.17
C LEU B 294 4.92 -1.36 12.18
N ASP B 295 3.84 -1.74 11.51
CA ASP B 295 2.67 -0.88 11.36
C ASP B 295 1.51 -1.57 12.07
N LEU B 296 1.15 -1.10 13.26
CA LEU B 296 -0.05 -1.56 13.93
C LEU B 296 -1.25 -0.86 13.29
N GLY B 297 -2.17 -1.65 12.75
CA GLY B 297 -3.27 -1.10 11.99
C GLY B 297 -4.44 -0.66 12.86
N GLY B 298 -5.41 -0.01 12.20
CA GLY B 298 -6.55 0.53 12.93
C GLY B 298 -7.25 -0.47 13.82
N GLY B 299 -7.48 -1.69 13.32
CA GLY B 299 -8.22 -2.68 14.09
C GLY B 299 -7.37 -3.59 14.95
N VAL B 300 -6.16 -3.14 15.32
CA VAL B 300 -5.29 -4.00 16.12
C VAL B 300 -5.94 -4.31 17.47
N LYS B 301 -5.83 -5.56 17.90
CA LYS B 301 -6.36 -6.04 19.17
C LYS B 301 -5.22 -6.32 20.13
N GLU B 302 -5.56 -6.42 21.43
CA GLU B 302 -4.54 -6.53 22.47
C GLU B 302 -3.66 -7.76 22.28
N ALA B 303 -4.26 -8.89 21.89
CA ALA B 303 -3.43 -10.08 21.67
C ALA B 303 -2.45 -9.87 20.53
N GLN B 304 -2.83 -9.12 19.50
CA GLN B 304 -1.89 -8.83 18.42
C GLN B 304 -0.77 -7.90 18.86
N VAL B 305 -1.10 -6.85 19.64
CA VAL B 305 -0.07 -5.99 20.23
C VAL B 305 0.94 -6.84 20.98
N TYR B 306 0.43 -7.78 21.77
CA TYR B 306 1.28 -8.64 22.59
C TYR B 306 2.21 -9.46 21.72
N GLN B 307 1.66 -10.17 20.73
CA GLN B 307 2.50 -10.94 19.83
C GLN B 307 3.48 -10.03 19.09
N ALA B 308 3.05 -8.81 18.74
CA ALA B 308 3.94 -7.91 18.01
C ALA B 308 5.12 -7.50 18.87
N PHE B 309 4.87 -7.17 20.14
CA PHE B 309 5.97 -6.76 20.98
C PHE B 309 6.98 -7.89 21.13
N LYS B 310 6.51 -9.13 21.14
CA LYS B 310 7.42 -10.28 21.26
C LYS B 310 8.26 -10.51 20.00
N LEU B 311 7.85 -9.98 18.84
CA LEU B 311 8.71 -10.06 17.67
C LEU B 311 9.98 -9.26 17.89
N LEU B 312 9.90 -8.23 18.73
CA LEU B 312 11.03 -7.37 19.02
C LEU B 312 11.87 -7.95 20.16
N THR B 313 11.23 -8.30 21.28
CA THR B 313 11.97 -8.72 22.46
C THR B 313 12.75 -10.02 22.22
N ALA B 314 12.29 -10.86 21.29
CA ALA B 314 12.97 -12.10 20.98
C ALA B 314 13.92 -11.97 19.80
N ASP B 315 14.21 -10.76 19.35
CA ASP B 315 15.13 -10.56 18.24
C ASP B 315 16.51 -10.23 18.81
N PRO B 316 17.51 -11.09 18.62
CA PRO B 316 18.81 -10.84 19.27
C PRO B 316 19.55 -9.64 18.74
N LYS B 317 19.17 -9.14 17.56
CA LYS B 317 19.78 -7.95 17.00
C LYS B 317 19.27 -6.68 17.66
N VAL B 318 18.11 -6.75 18.31
CA VAL B 318 17.47 -5.56 18.84
C VAL B 318 18.22 -5.13 20.11
N GLU B 319 18.74 -3.90 20.10
CA GLU B 319 19.42 -3.35 21.27
C GLU B 319 18.62 -2.29 21.99
N ALA B 320 17.53 -1.80 21.40
CA ALA B 320 16.66 -0.84 22.07
C ALA B 320 15.33 -0.84 21.34
N ILE B 321 14.28 -0.40 22.05
CA ILE B 321 12.93 -0.43 21.52
C ILE B 321 12.35 0.97 21.61
N LEU B 322 11.85 1.47 20.48
CA LEU B 322 11.22 2.79 20.42
C LEU B 322 9.74 2.55 20.17
N VAL B 323 8.93 2.84 21.17
CA VAL B 323 7.49 2.76 21.03
C VAL B 323 6.97 4.16 20.72
N ASN B 324 6.30 4.31 19.60
CA ASN B 324 5.77 5.62 19.25
C ASN B 324 4.36 5.47 18.73
N ILE B 325 3.39 5.99 19.47
CA ILE B 325 1.98 5.78 19.18
C ILE B 325 1.27 7.12 19.15
N PHE B 326 0.58 7.41 18.06
CA PHE B 326 -0.31 8.57 18.00
C PHE B 326 -1.69 8.02 17.66
N GLY B 327 -2.48 7.74 18.70
CA GLY B 327 -3.67 6.95 18.54
C GLY B 327 -4.84 7.77 18.02
N GLY B 328 -5.46 7.27 16.98
CA GLY B 328 -6.67 7.81 16.42
C GLY B 328 -7.78 6.82 16.67
N ILE B 329 -8.03 5.96 15.68
CA ILE B 329 -8.91 4.82 15.92
C ILE B 329 -8.27 3.79 16.88
N VAL B 330 -6.95 3.83 17.04
CA VAL B 330 -6.26 2.96 18.00
C VAL B 330 -6.33 3.56 19.39
N ASN B 331 -6.79 2.77 20.36
CA ASN B 331 -6.85 3.19 21.75
C ASN B 331 -5.50 2.90 22.42
N CYS B 332 -4.87 3.94 22.98
CA CYS B 332 -3.51 3.78 23.53
C CYS B 332 -3.45 2.75 24.66
N ALA B 333 -4.53 2.57 25.41
CA ALA B 333 -4.51 1.58 26.49
C ALA B 333 -4.34 0.16 25.97
N ILE B 334 -4.88 -0.14 24.77
CA ILE B 334 -4.69 -1.46 24.18
C ILE B 334 -3.20 -1.71 23.93
N ILE B 335 -2.49 -0.69 23.44
CA ILE B 335 -1.04 -0.80 23.27
C ILE B 335 -0.36 -1.05 24.62
N ALA B 336 -0.68 -0.21 25.62
CA ALA B 336 -0.01 -0.34 26.92
C ALA B 336 -0.27 -1.70 27.53
N ASN B 337 -1.49 -2.21 27.41
CA ASN B 337 -1.84 -3.52 27.97
C ASN B 337 -1.07 -4.64 27.28
N GLY B 338 -0.94 -4.59 25.97
CA GLY B 338 -0.23 -5.64 25.27
C GLY B 338 1.26 -5.63 25.56
N ILE B 339 1.84 -4.44 25.69
CA ILE B 339 3.25 -4.30 26.01
C ILE B 339 3.54 -4.84 27.41
N THR B 340 2.76 -4.41 28.39
CA THR B 340 3.03 -4.84 29.75
C THR B 340 2.84 -6.35 29.89
N LYS B 341 1.83 -6.91 29.20
CA LYS B 341 1.63 -8.36 29.24
C LYS B 341 2.81 -9.11 28.64
N ALA B 342 3.38 -8.58 27.54
CA ALA B 342 4.56 -9.23 26.94
C ALA B 342 5.78 -9.12 27.86
N CYS B 343 5.96 -7.97 28.51
CA CYS B 343 7.13 -7.78 29.36
C CYS B 343 7.03 -8.52 30.68
N ARG B 344 5.82 -8.94 31.07
CA ARG B 344 5.71 -9.78 32.26
C ARG B 344 6.43 -11.11 32.11
N GLU B 345 6.75 -11.52 30.87
CA GLU B 345 7.35 -12.81 30.55
C GLU B 345 8.87 -12.80 30.54
N LEU B 346 9.51 -11.64 30.55
CA LEU B 346 10.95 -11.57 30.35
C LEU B 346 11.55 -10.52 31.27
N GLU B 347 12.83 -10.69 31.59
CA GLU B 347 13.60 -9.64 32.24
C GLU B 347 14.05 -8.68 31.14
N LEU B 348 13.35 -7.57 31.00
CA LEU B 348 13.67 -6.57 29.98
C LEU B 348 15.11 -6.12 30.11
N LYS B 349 15.93 -6.40 29.10
CA LYS B 349 17.34 -6.05 29.16
C LYS B 349 17.77 -5.03 28.09
N VAL B 350 16.83 -4.39 27.40
CA VAL B 350 17.16 -3.35 26.43
C VAL B 350 16.43 -2.06 26.79
N PRO B 351 17.00 -0.89 26.49
CA PRO B 351 16.26 0.36 26.73
C PRO B 351 14.94 0.36 26.00
N LEU B 352 13.92 0.94 26.64
CA LEU B 352 12.57 1.03 26.08
C LEU B 352 12.13 2.49 26.11
N VAL B 353 12.20 3.16 24.97
CA VAL B 353 11.78 4.56 24.83
C VAL B 353 10.33 4.57 24.38
N VAL B 354 9.49 5.34 25.05
CA VAL B 354 8.05 5.25 24.83
C VAL B 354 7.50 6.66 24.66
N ARG B 355 6.80 6.87 23.55
CA ARG B 355 6.11 8.12 23.28
C ARG B 355 4.68 7.77 22.92
N LEU B 356 3.73 8.33 23.66
CA LEU B 356 2.31 8.05 23.47
C LEU B 356 1.55 9.35 23.31
N GLU B 357 0.66 9.39 22.32
CA GLU B 357 -0.23 10.53 22.12
C GLU B 357 -1.58 10.02 21.63
N GLY B 358 -2.59 10.88 21.75
CA GLY B 358 -3.88 10.60 21.15
C GLY B 358 -4.91 9.93 22.06
N THR B 359 -5.75 9.09 21.46
CA THR B 359 -6.91 8.52 22.13
C THR B 359 -6.52 7.77 23.41
N ASN B 360 -7.13 8.19 24.53
CA ASN B 360 -7.01 7.50 25.83
C ASN B 360 -5.56 7.47 26.33
N VAL B 361 -4.77 8.50 25.99
CA VAL B 361 -3.36 8.48 26.36
C VAL B 361 -3.18 8.49 27.88
N GLN B 362 -4.05 9.20 28.59
CA GLN B 362 -3.90 9.29 30.05
C GLN B 362 -3.99 7.92 30.71
N GLU B 363 -4.98 7.11 30.32
CA GLU B 363 -5.12 5.78 30.90
C GLU B 363 -3.94 4.89 30.53
N ALA B 364 -3.51 4.94 29.27
CA ALA B 364 -2.36 4.17 28.83
C ALA B 364 -1.12 4.52 29.65
N GLN B 365 -0.88 5.81 29.88
CA GLN B 365 0.27 6.22 30.67
C GLN B 365 0.22 5.63 32.07
N LYS B 366 -0.96 5.61 32.68
CA LYS B 366 -1.09 5.05 34.03
C LYS B 366 -0.77 3.56 34.02
N ILE B 367 -1.23 2.85 32.97
CA ILE B 367 -0.92 1.44 32.83
C ILE B 367 0.59 1.22 32.76
N LEU B 368 1.29 2.03 31.96
CA LEU B 368 2.75 1.91 31.92
C LEU B 368 3.38 2.24 33.26
N ASN B 369 2.86 3.26 33.95
CA ASN B 369 3.39 3.61 35.27
C ASN B 369 3.22 2.47 36.27
N ASN B 370 2.03 1.88 36.33
CA ASN B 370 1.79 0.79 37.27
C ASN B 370 2.68 -0.42 37.01
N SER B 371 3.19 -0.58 35.79
CA SER B 371 3.94 -1.80 35.47
C SER B 371 5.27 -1.86 36.19
N GLY B 372 5.84 -0.71 36.55
CA GLY B 372 7.19 -0.73 37.06
C GLY B 372 8.23 -1.07 36.03
N LEU B 373 7.90 -0.96 34.73
CA LEU B 373 8.87 -1.21 33.68
C LEU B 373 9.89 -0.09 33.60
N PRO B 374 11.15 -0.42 33.29
CA PRO B 374 12.15 0.63 33.08
C PRO B 374 11.95 1.36 31.74
N ILE B 375 11.09 2.37 31.75
CA ILE B 375 10.71 3.13 30.57
C ILE B 375 11.32 4.52 30.66
N THR B 376 11.99 4.97 29.59
CA THR B 376 12.38 6.37 29.48
C THR B 376 11.40 7.08 28.55
N SER B 377 10.72 8.07 29.09
CA SER B 377 9.69 8.84 28.39
C SER B 377 10.31 9.84 27.42
N ALA B 378 9.52 10.21 26.43
CA ALA B 378 9.92 11.19 25.42
C ALA B 378 8.80 12.19 25.22
N ILE B 379 9.15 13.46 25.01
CA ILE B 379 8.13 14.49 24.84
C ILE B 379 7.61 14.55 23.41
N ASP B 380 8.42 14.21 22.42
CA ASP B 380 7.99 14.25 21.03
C ASP B 380 8.78 13.22 20.24
N LEU B 381 8.49 13.13 18.95
CA LEU B 381 9.15 12.10 18.17
C LEU B 381 10.63 12.39 17.97
N GLU B 382 11.02 13.67 17.89
CA GLU B 382 12.45 13.95 17.81
C GLU B 382 13.15 13.54 19.09
N ASP B 383 12.56 13.88 20.24
CA ASP B 383 13.11 13.50 21.54
C ASP B 383 13.21 11.97 21.66
N ALA B 384 12.18 11.25 21.22
CA ALA B 384 12.24 9.79 21.30
C ALA B 384 13.40 9.24 20.48
N ALA B 385 13.55 9.71 19.23
CA ALA B 385 14.60 9.18 18.36
C ALA B 385 15.98 9.47 18.92
N LYS B 386 16.20 10.69 19.41
CA LYS B 386 17.50 11.03 19.98
C LYS B 386 17.83 10.15 21.17
N LYS B 387 16.84 9.89 22.04
CA LYS B 387 17.09 9.05 23.21
C LYS B 387 17.31 7.59 22.83
N ALA B 388 16.57 7.09 21.83
CA ALA B 388 16.76 5.71 21.42
C ALA B 388 18.14 5.50 20.82
N VAL B 389 18.59 6.46 20.01
CA VAL B 389 19.93 6.39 19.43
C VAL B 389 20.99 6.44 20.51
N ALA B 390 20.86 7.39 21.43
CA ALA B 390 21.85 7.56 22.49
C ALA B 390 21.89 6.32 23.38
N SER B 391 20.73 5.72 23.65
CA SER B 391 20.66 4.54 24.52
C SER B 391 21.52 3.38 24.01
N VAL B 392 21.85 3.33 22.71
CA VAL B 392 22.73 2.29 22.18
C VAL B 392 24.03 2.88 21.62
N ALA B 393 24.31 4.15 21.90
CA ALA B 393 25.58 4.76 21.49
C ALA B 393 26.76 4.05 22.17
N1A COA C . -24.25 -0.14 3.81
C2A COA C . -24.35 0.12 5.12
N3A COA C . -24.02 -0.63 6.16
C4A COA C . -23.54 -1.82 5.75
C5A COA C . -23.37 -2.25 4.45
C6A COA C . -23.76 -1.34 3.43
N6A COA C . -23.65 -1.60 2.12
N7A COA C . -22.83 -3.53 4.43
C8A COA C . -22.69 -3.85 5.70
N9A COA C . -23.11 -2.84 6.54
C1B COA C . -23.07 -2.81 8.00
C2B COA C . -23.21 -4.15 8.71
O2B COA C . -24.53 -4.65 8.75
C3B COA C . -22.61 -3.83 10.08
O3B COA C . -23.60 -3.32 10.97
P3B COA C . -24.35 -4.45 11.88
O7A COA C . -23.32 -5.14 12.75
O8A COA C . -25.34 -3.67 12.71
O9A COA C . -25.03 -5.41 10.94
C4B COA C . -21.59 -2.72 9.77
O4B COA C . -21.78 -2.38 8.38
C5B COA C . -20.14 -3.11 10.00
O5B COA C . -19.94 -3.32 11.41
P1A COA C . -18.87 -4.37 12.00
O1A COA C . -19.01 -5.69 11.30
O2A COA C . -18.98 -4.32 13.49
O3A COA C . -17.48 -3.74 11.54
P2A COA C . -16.49 -2.76 12.35
O4A COA C . -15.86 -3.52 13.46
O5A COA C . -17.26 -1.52 12.69
O6A COA C . -15.37 -2.48 11.24
CBP COA C . -14.60 -0.99 9.51
CCP COA C . -15.76 -1.85 9.98
CDP COA C . -14.41 0.18 10.49
CEP COA C . -14.94 -0.40 8.13
CAP COA C . -13.31 -1.81 9.44
OAP COA C . -13.48 -2.86 8.49
C9P COA C . -12.07 -1.02 9.10
O9P COA C . -11.85 -0.72 7.94
N8P COA C . -11.24 -0.71 10.09
C7P COA C . -10.04 0.07 9.89
C6P COA C . -10.33 1.50 9.47
C5P COA C . -9.04 2.28 9.33
O5P COA C . -8.12 2.13 10.13
N4P COA C . -8.95 3.14 8.31
C3P COA C . -7.77 3.90 7.96
C2P COA C . -7.56 5.09 8.85
S1P COA C . -6.32 6.25 8.24
P PO4 D . -1.77 5.57 8.29
O1 PO4 D . -2.70 6.02 7.20
O2 PO4 D . -1.77 4.06 8.30
O3 PO4 D . -2.22 6.16 9.59
O4 PO4 D . -0.37 6.03 7.97
C 2OP E . -4.18 4.19 13.08
O 2OP E . -4.17 4.46 11.85
CB 2OP E . -5.80 6.13 13.37
OHN 2OP E . -4.67 5.21 15.24
CA 2OP E . -5.20 4.89 14.00
OXT 2OP E . -3.39 3.31 13.56
MG MG F . -3.50 3.10 10.59
#